data_7KNC
#
_entry.id   7KNC
#
_cell.length_a   117.493
_cell.length_b   146.632
_cell.length_c   63.044
_cell.angle_alpha   90.000
_cell.angle_beta   90.000
_cell.angle_gamma   90.000
#
_symmetry.space_group_name_H-M   'P 21 21 2'
#
loop_
_entity.id
_entity.type
_entity.pdbx_description
1 polymer Alpha-xylosidase
2 non-polymer 'POTASSIUM ION'
3 non-polymer alpha-D-xylopyranose
4 non-polymer GLYCEROL
5 water water
#
_entity_poly.entity_id   1
_entity_poly.type   'polypeptide(L)'
_entity_poly.pdbx_seq_one_letter_code
;MGSSHHHHHHSSGLVPRGSHIMQTTIRSAGAMPANRRTSLAQCLALSLALLANAAHAQEVRKAADGVTVVPSAKGAAPVR
LQVVDAGIIRVSADPDGDFARSPSLMRVPVQGDTAFQVAEQGDSVQLKTGKVTASISTVDGHVSFADANGKPVLSEVAGG
RSFAPLNVEGKQYLSVRQRFQSPDDEALYGFGQHQQGWMNQKGRNVELQQNNIDMAVPYLVSSRNYGLLWDNNSITRLGD
PRGLQPLPKTLTLYDAKGKAGALTARYAINGKHILERRESEVNYQYLSDLTKYPKKAITKDKNSRMQVTWEGEIEVLTGG
EHTFSLYSSEYAKLYVDGKLVVDRWRQNWNPWNHEFKLDLEPGQRHTVKVEWDLIDPSYIALLHRDPLPAAEAKDLSLWS
EAGQMIDYYFVSADSYDQAVAGYRALTGKSTMLPKWAYGFWQSRERYKSQDELVGAVAEYRKRKLSLDNIVLDWSYWPEN
AWGSHDFDPQHFPDPDGMVKAVHDMHAQIMISIWPKFYPTTANYKELDAAGFMFKRNVEVGELDWIGKGYKNSFYDPYSE
KAQAIYWRQINEKLNSKGFDAWWMDADEPDVHSNLDIAERKARTTPNALGSSTEYFNSYPLPHTHGVYVGDRAADDKRVF
ILSRKGYAGTQRNAVAVWSGDIVSRWDDMRDQISGGVNMALSGLPNWTFDIGGFAVEKRYEDQDPAHLPEWRELNTRWFQ
FGAFVPIFRSHGQFPYREIWNIAPEGTPFYESMAYYNRLRSALLPYIYSLAGDTYQRDGVIMRGMMMDFPNDPKVRDIND
QYLFGPAFLVAPVTRFGATSRQVYLPAGSSWLEFATGKRYEGGQSIEAAAPIERMPLFVRAGSIVPTGPVQEYVDQVADA
PLTVVVYTGADGQFSLYEDDGKGYGYEKGEFSRIPLVWNQAKGELSIGKREGSWTGMQAKRTINVRFVDGPRDDAGALAP
KTDASIQYDGKPVSVLQRKIASGKARRR
;
_entity_poly.pdbx_strand_id   A
#
loop_
_chem_comp.id
_chem_comp.type
_chem_comp.name
_chem_comp.formula
GOL non-polymer GLYCEROL 'C3 H8 O3'
K non-polymer 'POTASSIUM ION' 'K 1'
XYS D-saccharide, alpha linking alpha-D-xylopyranose 'C5 H10 O5'
#
# COMPACT_ATOMS: atom_id res chain seq x y z
N VAL A 60 -23.42 36.15 4.90
CA VAL A 60 -22.80 35.45 3.79
C VAL A 60 -21.69 36.30 3.19
N ARG A 61 -20.45 35.82 3.33
CA ARG A 61 -19.26 36.56 2.94
C ARG A 61 -18.71 35.99 1.64
N LYS A 62 -18.60 36.84 0.63
CA LYS A 62 -18.06 36.43 -0.67
C LYS A 62 -16.55 36.68 -0.74
N ALA A 63 -15.86 35.80 -1.46
CA ALA A 63 -14.44 35.89 -1.70
C ALA A 63 -14.18 35.63 -3.18
N ALA A 64 -12.93 35.84 -3.60
CA ALA A 64 -12.58 35.61 -4.99
C ALA A 64 -12.72 34.14 -5.37
N ASP A 65 -12.57 33.23 -4.39
CA ASP A 65 -12.57 31.80 -4.66
C ASP A 65 -13.62 31.02 -3.87
N GLY A 66 -14.59 31.69 -3.25
CA GLY A 66 -15.65 30.98 -2.57
C GLY A 66 -16.42 31.89 -1.62
N VAL A 67 -17.09 31.27 -0.64
CA VAL A 67 -17.94 31.97 0.31
C VAL A 67 -17.75 31.37 1.71
N THR A 68 -18.07 32.19 2.72
CA THR A 68 -18.15 31.76 4.10
C THR A 68 -19.54 32.05 4.63
N VAL A 69 -20.15 31.06 5.30
CA VAL A 69 -21.46 31.19 5.91
C VAL A 69 -21.30 31.00 7.41
N VAL A 70 -21.87 31.92 8.19
CA VAL A 70 -21.99 31.77 9.63
C VAL A 70 -23.42 31.32 9.91
N PRO A 71 -23.64 30.04 10.26
CA PRO A 71 -25.02 29.54 10.37
C PRO A 71 -25.73 30.15 11.57
N SER A 72 -27.06 30.24 11.44
CA SER A 72 -27.86 30.90 12.46
C SER A 72 -28.08 30.04 13.70
N ALA A 73 -28.00 28.72 13.60
CA ALA A 73 -28.27 27.87 14.75
C ALA A 73 -27.16 27.99 15.78
N LYS A 74 -27.56 28.02 17.05
CA LYS A 74 -26.57 28.04 18.13
C LYS A 74 -25.72 26.79 18.08
N GLY A 75 -24.40 26.97 18.14
CA GLY A 75 -23.47 25.87 18.14
C GLY A 75 -22.95 25.45 16.78
N ALA A 76 -23.67 25.79 15.70
CA ALA A 76 -23.21 25.41 14.36
C ALA A 76 -21.98 26.21 13.97
N ALA A 77 -20.94 25.51 13.55
CA ALA A 77 -19.66 26.15 13.24
C ALA A 77 -19.74 26.87 11.91
N PRO A 78 -19.11 28.05 11.81
CA PRO A 78 -18.93 28.67 10.49
C PRO A 78 -18.27 27.71 9.52
N VAL A 79 -18.63 27.83 8.25
CA VAL A 79 -18.14 26.93 7.20
C VAL A 79 -17.71 27.79 6.02
N ARG A 80 -16.64 27.37 5.35
CA ARG A 80 -16.08 28.09 4.21
C ARG A 80 -15.86 27.13 3.05
N LEU A 81 -16.29 27.52 1.87
CA LEU A 81 -16.04 26.76 0.65
C LEU A 81 -15.07 27.52 -0.24
N GLN A 82 -14.07 26.82 -0.76
CA GLN A 82 -13.12 27.40 -1.70
C GLN A 82 -13.12 26.55 -2.96
N VAL A 83 -13.16 27.21 -4.11
CA VAL A 83 -13.09 26.51 -5.40
C VAL A 83 -11.61 26.35 -5.74
N VAL A 84 -11.13 25.10 -5.74
CA VAL A 84 -9.77 24.81 -6.18
C VAL A 84 -9.72 24.64 -7.69
N ASP A 85 -10.71 23.95 -8.24
CA ASP A 85 -10.89 23.80 -9.68
C ASP A 85 -12.37 23.58 -9.90
N ALA A 86 -12.78 23.54 -11.17
CA ALA A 86 -14.20 23.37 -11.47
C ALA A 86 -14.81 22.16 -10.75
N GLY A 87 -14.03 21.10 -10.58
CA GLY A 87 -14.53 19.89 -9.94
C GLY A 87 -13.89 19.52 -8.62
N ILE A 88 -13.26 20.49 -7.95
CA ILE A 88 -12.61 20.27 -6.67
C ILE A 88 -12.99 21.41 -5.73
N ILE A 89 -13.72 21.10 -4.67
CA ILE A 89 -14.21 22.09 -3.72
C ILE A 89 -13.66 21.77 -2.34
N ARG A 90 -13.03 22.77 -1.71
CA ARG A 90 -12.53 22.63 -0.35
C ARG A 90 -13.61 23.05 0.65
N VAL A 91 -13.73 22.28 1.73
CA VAL A 91 -14.70 22.54 2.79
C VAL A 91 -13.95 22.65 4.11
N SER A 92 -14.10 23.77 4.79
CA SER A 92 -13.50 23.98 6.10
C SER A 92 -14.58 24.43 7.07
N ALA A 93 -14.62 23.80 8.25
CA ALA A 93 -15.56 24.15 9.30
C ALA A 93 -14.80 24.35 10.60
N ASP A 94 -14.99 25.51 11.23
CA ASP A 94 -14.20 25.91 12.39
C ASP A 94 -15.07 26.68 13.37
N PRO A 95 -15.24 26.19 14.60
CA PRO A 95 -16.05 26.93 15.59
C PRO A 95 -15.62 28.37 15.78
N ASP A 96 -14.33 28.68 15.66
CA ASP A 96 -13.85 30.04 15.86
C ASP A 96 -14.09 30.95 14.66
N GLY A 97 -14.43 30.40 13.51
CA GLY A 97 -14.70 31.25 12.35
C GLY A 97 -13.49 31.85 11.67
N ASP A 98 -12.27 31.48 12.08
CA ASP A 98 -11.06 32.00 11.48
C ASP A 98 -10.46 31.10 10.41
N PHE A 99 -10.73 29.79 10.49
CA PHE A 99 -10.20 28.79 9.56
C PHE A 99 -8.68 28.80 9.54
N ALA A 100 -8.06 29.04 10.70
CA ALA A 100 -6.62 28.98 10.85
C ALA A 100 -6.21 27.56 11.17
N ARG A 101 -5.25 27.03 10.42
CA ARG A 101 -4.72 25.69 10.65
C ARG A 101 -3.21 25.71 10.46
N SER A 102 -2.56 24.67 10.99
CA SER A 102 -1.18 24.43 10.62
C SER A 102 -1.07 24.31 9.11
N PRO A 103 -0.04 24.89 8.50
CA PRO A 103 0.13 24.76 7.05
C PRO A 103 0.08 23.29 6.63
N SER A 104 -0.72 23.01 5.60
CA SER A 104 -0.86 21.64 5.12
C SER A 104 0.48 21.10 4.64
N LEU A 105 0.74 19.82 4.93
CA LEU A 105 1.91 19.16 4.36
C LEU A 105 1.57 18.40 3.09
N MET A 106 0.35 17.87 2.97
CA MET A 106 0.04 17.07 1.78
C MET A 106 -0.25 17.93 0.55
N ARG A 107 -0.79 19.14 0.74
CA ARG A 107 -1.22 19.92 -0.41
C ARG A 107 -0.04 20.50 -1.19
N VAL A 108 -0.19 20.55 -2.51
CA VAL A 108 0.65 21.36 -3.39
C VAL A 108 -0.25 22.37 -4.08
N PRO A 109 0.30 23.46 -4.59
CA PRO A 109 -0.55 24.46 -5.26
C PRO A 109 -1.21 23.89 -6.51
N VAL A 110 -2.43 24.36 -6.76
CA VAL A 110 -3.20 24.03 -7.96
C VAL A 110 -3.58 25.35 -8.63
N GLN A 111 -3.32 25.46 -9.92
CA GLN A 111 -3.85 26.56 -10.72
C GLN A 111 -4.94 25.98 -11.61
N GLY A 112 -6.19 26.09 -11.17
CA GLY A 112 -7.32 25.63 -11.94
C GLY A 112 -8.28 26.78 -12.21
N ASP A 113 -9.40 26.41 -12.84
CA ASP A 113 -10.48 27.35 -13.11
C ASP A 113 -11.26 27.59 -11.82
N THR A 114 -11.11 28.78 -11.24
CA THR A 114 -11.75 29.12 -9.97
C THR A 114 -13.03 29.95 -10.16
N ALA A 115 -13.62 29.92 -11.35
CA ALA A 115 -14.83 30.69 -11.60
C ALA A 115 -16.03 30.03 -10.94
N PHE A 116 -16.95 30.85 -10.44
CA PHE A 116 -18.16 30.32 -9.82
C PHE A 116 -19.21 31.41 -9.74
N GLN A 117 -20.46 30.98 -9.58
CA GLN A 117 -21.60 31.86 -9.39
C GLN A 117 -22.38 31.46 -8.15
N VAL A 118 -22.91 32.46 -7.44
CA VAL A 118 -23.60 32.26 -6.17
C VAL A 118 -25.06 32.61 -6.32
N ALA A 119 -25.92 31.81 -5.71
CA ALA A 119 -27.35 32.11 -5.59
C ALA A 119 -27.78 31.89 -4.15
N GLU A 120 -28.84 32.59 -3.76
CA GLU A 120 -29.38 32.51 -2.40
C GLU A 120 -30.84 32.06 -2.49
N GLN A 121 -31.11 30.83 -2.06
CA GLN A 121 -32.47 30.39 -1.80
C GLN A 121 -32.81 30.73 -0.35
N GLY A 122 -33.92 30.19 0.14
CA GLY A 122 -34.39 30.52 1.47
C GLY A 122 -33.42 30.14 2.57
N ASP A 123 -33.20 28.83 2.74
CA ASP A 123 -32.32 28.31 3.78
C ASP A 123 -30.92 27.98 3.25
N SER A 124 -30.56 28.45 2.05
CA SER A 124 -29.33 27.93 1.47
C SER A 124 -28.60 28.99 0.66
N VAL A 125 -27.28 28.84 0.62
CA VAL A 125 -26.40 29.51 -0.33
C VAL A 125 -25.81 28.45 -1.26
N GLN A 126 -25.80 28.74 -2.56
CA GLN A 126 -25.38 27.77 -3.55
C GLN A 126 -24.23 28.32 -4.39
N LEU A 127 -23.16 27.54 -4.51
CA LEU A 127 -22.02 27.86 -5.38
C LEU A 127 -22.06 26.92 -6.57
N LYS A 128 -21.97 27.50 -7.76
CA LYS A 128 -22.09 26.74 -9.00
C LYS A 128 -20.88 26.98 -9.88
N THR A 129 -20.17 25.91 -10.23
CA THR A 129 -19.11 25.91 -11.23
C THR A 129 -19.64 25.21 -12.49
N GLY A 130 -18.74 24.99 -13.44
CA GLY A 130 -19.10 24.24 -14.63
C GLY A 130 -19.36 22.76 -14.36
N LYS A 131 -18.91 22.25 -13.22
CA LYS A 131 -19.03 20.83 -12.93
C LYS A 131 -19.87 20.51 -11.70
N VAL A 132 -19.97 21.42 -10.74
CA VAL A 132 -20.54 21.11 -9.43
C VAL A 132 -21.44 22.25 -8.97
N THR A 133 -22.51 21.89 -8.26
CA THR A 133 -23.28 22.84 -7.47
C THR A 133 -23.19 22.41 -6.00
N ALA A 134 -22.66 23.30 -5.17
CA ALA A 134 -22.51 23.05 -3.75
C ALA A 134 -23.50 23.95 -2.99
N SER A 135 -24.36 23.33 -2.19
CA SER A 135 -25.35 24.07 -1.40
C SER A 135 -24.95 24.07 0.06
N ILE A 136 -25.02 25.25 0.69
CA ILE A 136 -24.70 25.45 2.10
C ILE A 136 -25.96 25.89 2.82
N SER A 137 -26.33 25.17 3.89
CA SER A 137 -27.47 25.59 4.70
C SER A 137 -27.10 26.80 5.55
N THR A 138 -27.93 27.84 5.49
CA THR A 138 -27.71 29.00 6.36
C THR A 138 -28.13 28.74 7.80
N VAL A 139 -28.78 27.62 8.07
CA VAL A 139 -29.23 27.30 9.42
C VAL A 139 -28.14 26.57 10.21
N ASP A 140 -27.59 25.48 9.68
CA ASP A 140 -26.55 24.76 10.40
C ASP A 140 -25.26 24.57 9.60
N GLY A 141 -25.20 25.04 8.36
CA GLY A 141 -23.98 25.00 7.59
C GLY A 141 -23.67 23.70 6.87
N HIS A 142 -24.56 22.72 6.91
CA HIS A 142 -24.21 21.44 6.29
C HIS A 142 -24.21 21.58 4.77
N VAL A 143 -23.29 20.85 4.13
CA VAL A 143 -22.96 21.03 2.72
C VAL A 143 -23.47 19.84 1.91
N SER A 144 -24.02 20.12 0.73
N SER A 144 -24.02 20.12 0.73
CA SER A 144 -24.50 19.09 -0.19
CA SER A 144 -24.51 19.10 -0.18
C SER A 144 -23.96 19.36 -1.58
C SER A 144 -23.96 19.36 -1.58
N PHE A 145 -23.55 18.30 -2.26
CA PHE A 145 -22.94 18.39 -3.58
C PHE A 145 -23.81 17.70 -4.63
N ALA A 146 -23.97 18.37 -5.77
CA ALA A 146 -24.66 17.83 -6.94
C ALA A 146 -23.82 18.11 -8.17
N ASP A 147 -23.97 17.26 -9.20
CA ASP A 147 -23.11 17.35 -10.37
C ASP A 147 -23.65 18.40 -11.34
N ALA A 148 -23.07 18.42 -12.55
CA ALA A 148 -23.40 19.47 -13.52
C ALA A 148 -24.88 19.43 -13.92
N ASN A 149 -25.50 18.25 -13.89
CA ASN A 149 -26.90 18.09 -14.26
C ASN A 149 -27.83 18.12 -13.05
N GLY A 150 -27.35 18.61 -11.91
CA GLY A 150 -28.17 18.74 -10.72
C GLY A 150 -28.43 17.44 -9.97
N LYS A 151 -27.90 16.32 -10.43
CA LYS A 151 -28.07 15.06 -9.73
C LYS A 151 -27.28 15.07 -8.43
N PRO A 152 -27.88 14.65 -7.31
CA PRO A 152 -27.15 14.65 -6.04
C PRO A 152 -26.04 13.59 -6.03
N VAL A 153 -24.93 13.95 -5.40
CA VAL A 153 -23.74 13.10 -5.34
C VAL A 153 -23.37 12.76 -3.90
N LEU A 154 -23.30 13.76 -3.04
CA LEU A 154 -22.82 13.59 -1.68
C LEU A 154 -23.38 14.70 -0.80
N SER A 155 -23.86 14.32 0.38
CA SER A 155 -24.36 15.31 1.33
C SER A 155 -23.83 15.01 2.73
N GLU A 156 -23.36 16.05 3.40
CA GLU A 156 -23.08 15.95 4.82
C GLU A 156 -24.38 15.68 5.58
N VAL A 157 -24.25 15.07 6.76
CA VAL A 157 -25.39 14.98 7.66
C VAL A 157 -25.62 16.35 8.27
N ALA A 158 -26.89 16.79 8.29
CA ALA A 158 -27.21 18.06 8.92
C ALA A 158 -27.00 17.94 10.43
N GLY A 159 -26.27 18.89 11.01
CA GLY A 159 -25.85 18.75 12.39
C GLY A 159 -24.82 17.67 12.61
N GLY A 160 -24.09 17.28 11.57
CA GLY A 160 -23.21 16.13 11.62
C GLY A 160 -21.75 16.42 11.92
N ARG A 161 -21.40 17.62 12.38
CA ARG A 161 -20.05 17.93 12.78
C ARG A 161 -19.87 17.77 14.29
N SER A 162 -18.67 17.34 14.69
CA SER A 162 -18.32 17.24 16.10
C SER A 162 -16.93 17.83 16.31
N PHE A 163 -16.79 18.62 17.37
CA PHE A 163 -15.50 19.17 17.79
C PHE A 163 -15.36 18.94 19.29
N ALA A 164 -14.24 18.34 19.71
CA ALA A 164 -14.03 18.06 21.12
C ALA A 164 -12.62 18.45 21.54
N PRO A 165 -12.44 19.02 22.72
CA PRO A 165 -11.11 19.51 23.10
C PRO A 165 -10.17 18.35 23.44
N LEU A 166 -8.91 18.53 23.08
CA LEU A 166 -7.83 17.61 23.45
C LEU A 166 -6.65 18.46 23.86
N ASN A 167 -6.30 18.42 25.14
CA ASN A 167 -5.26 19.26 25.72
C ASN A 167 -4.02 18.40 25.93
N VAL A 168 -3.07 18.47 25.00
CA VAL A 168 -1.88 17.62 25.02
C VAL A 168 -0.67 18.44 24.59
N GLU A 169 0.48 18.10 25.16
CA GLU A 169 1.77 18.65 24.73
C GLU A 169 1.77 20.18 24.72
N GLY A 170 1.13 20.77 25.73
CA GLY A 170 1.13 22.21 25.87
C GLY A 170 0.21 22.96 24.94
N LYS A 171 -0.63 22.26 24.18
CA LYS A 171 -1.52 22.88 23.22
C LYS A 171 -2.95 22.41 23.44
N GLN A 172 -3.87 23.11 22.79
CA GLN A 172 -5.27 22.72 22.75
C GLN A 172 -5.60 22.39 21.29
N TYR A 173 -5.91 21.12 21.05
CA TYR A 173 -6.38 20.68 19.75
C TYR A 173 -7.86 20.34 19.84
N LEU A 174 -8.45 20.12 18.67
CA LEU A 174 -9.80 19.60 18.57
C LEU A 174 -9.76 18.22 17.92
N SER A 175 -10.41 17.25 18.54
CA SER A 175 -10.74 16.01 17.85
C SER A 175 -11.99 16.29 17.03
N VAL A 176 -11.92 16.08 15.71
CA VAL A 176 -12.98 16.52 14.82
C VAL A 176 -13.61 15.29 14.15
N ARG A 177 -14.88 15.42 13.82
CA ARG A 177 -15.61 14.33 13.18
C ARG A 177 -16.63 14.92 12.22
N GLN A 178 -16.65 14.40 10.99
CA GLN A 178 -17.64 14.77 9.98
C GLN A 178 -18.41 13.55 9.53
N ARG A 179 -19.73 13.63 9.57
CA ARG A 179 -20.60 12.55 9.11
C ARG A 179 -21.24 12.93 7.78
N PHE A 180 -21.29 11.97 6.86
CA PHE A 180 -21.94 12.14 5.57
C PHE A 180 -23.06 11.10 5.41
N GLN A 181 -24.10 11.48 4.67
CA GLN A 181 -25.15 10.52 4.34
C GLN A 181 -24.62 9.50 3.33
N SER A 182 -24.87 8.22 3.60
CA SER A 182 -24.34 7.14 2.75
C SER A 182 -25.39 6.06 2.51
N PRO A 183 -25.80 5.84 1.26
CA PRO A 183 -26.77 4.78 0.99
C PRO A 183 -26.16 3.39 1.14
N ASP A 184 -27.05 2.40 1.27
CA ASP A 184 -26.60 1.02 1.45
C ASP A 184 -25.78 0.51 0.28
N ASP A 185 -26.05 0.99 -0.94
CA ASP A 185 -25.39 0.47 -2.13
C ASP A 185 -24.16 1.27 -2.54
N GLU A 186 -23.65 2.14 -1.66
CA GLU A 186 -22.42 2.86 -1.95
C GLU A 186 -21.22 1.98 -1.63
N ALA A 187 -20.26 1.92 -2.55
CA ALA A 187 -19.00 1.24 -2.30
C ALA A 187 -17.90 2.27 -2.10
N LEU A 188 -16.95 1.95 -1.22
CA LEU A 188 -15.88 2.87 -0.84
C LEU A 188 -14.55 2.15 -0.91
N TYR A 189 -13.53 2.81 -1.46
CA TYR A 189 -12.20 2.23 -1.60
C TYR A 189 -11.14 3.24 -1.19
N GLY A 190 -9.94 2.74 -0.91
CA GLY A 190 -8.81 3.60 -0.62
C GLY A 190 -8.48 3.65 0.86
N PHE A 191 -8.13 4.84 1.34
CA PHE A 191 -7.76 5.09 2.73
C PHE A 191 -6.51 4.33 3.15
N GLY A 192 -5.66 3.98 2.19
CA GLY A 192 -4.37 3.40 2.47
C GLY A 192 -4.26 1.96 2.01
N GLN A 193 -3.35 1.24 2.67
CA GLN A 193 -3.09 -0.17 2.37
C GLN A 193 -3.18 -0.94 3.69
N HIS A 194 -4.14 -1.85 3.78
CA HIS A 194 -4.46 -2.49 5.05
C HIS A 194 -4.44 -4.01 4.89
N GLN A 195 -4.72 -4.72 5.98
CA GLN A 195 -4.40 -6.15 6.08
C GLN A 195 -5.57 -6.98 6.60
N GLN A 196 -6.79 -6.57 6.30
CA GLN A 196 -7.98 -7.35 6.63
C GLN A 196 -8.54 -8.12 5.44
N GLY A 197 -7.97 -7.92 4.25
CA GLY A 197 -8.48 -8.59 3.06
C GLY A 197 -9.79 -8.04 2.56
N TRP A 198 -10.17 -6.84 2.99
CA TRP A 198 -11.41 -6.20 2.53
C TRP A 198 -11.12 -5.43 1.24
N MET A 199 -11.88 -5.72 0.18
CA MET A 199 -11.79 -4.92 -1.04
C MET A 199 -12.63 -3.65 -0.88
N ASN A 200 -13.94 -3.82 -0.72
CA ASN A 200 -14.87 -2.74 -0.43
C ASN A 200 -14.75 -2.34 1.04
N GLN A 201 -14.69 -1.05 1.32
CA GLN A 201 -14.58 -0.55 2.69
C GLN A 201 -15.91 -0.09 3.27
N LYS A 202 -17.00 -0.23 2.53
CA LYS A 202 -18.31 0.21 3.02
C LYS A 202 -18.71 -0.59 4.27
N GLY A 203 -19.10 0.11 5.32
CA GLY A 203 -19.50 -0.53 6.54
C GLY A 203 -18.37 -1.04 7.40
N ARG A 204 -17.12 -0.79 7.03
CA ARG A 204 -15.96 -1.24 7.78
C ARG A 204 -15.39 -0.12 8.64
N ASN A 205 -14.79 -0.50 9.76
CA ASN A 205 -14.07 0.41 10.63
C ASN A 205 -12.59 0.31 10.31
N VAL A 206 -11.98 1.43 9.92
CA VAL A 206 -10.59 1.46 9.46
C VAL A 206 -9.87 2.61 10.14
N GLU A 207 -8.85 2.29 10.94
CA GLU A 207 -8.06 3.31 11.62
C GLU A 207 -6.75 3.55 10.89
N LEU A 208 -6.44 4.82 10.64
CA LEU A 208 -5.19 5.21 10.00
C LEU A 208 -4.16 5.49 11.09
N GLN A 209 -3.17 4.60 11.21
CA GLN A 209 -2.14 4.68 12.23
C GLN A 209 -0.92 3.97 11.65
N GLN A 210 0.07 4.74 11.19
CA GLN A 210 1.22 4.14 10.51
C GLN A 210 1.81 3.01 11.35
N ASN A 211 1.86 1.81 10.74
CA ASN A 211 2.48 0.64 11.34
C ASN A 211 3.25 -0.10 10.26
N ASN A 212 4.12 -1.02 10.68
CA ASN A 212 4.93 -1.83 9.78
C ASN A 212 4.14 -2.31 8.56
N ILE A 213 3.02 -3.02 8.78
CA ILE A 213 2.25 -3.59 7.69
C ILE A 213 0.97 -2.83 7.38
N ASP A 214 0.71 -1.69 8.04
CA ASP A 214 -0.55 -0.96 7.89
C ASP A 214 -0.26 0.50 7.56
N MET A 215 -0.67 0.94 6.38
CA MET A 215 -0.26 2.21 5.82
C MET A 215 -1.43 3.17 5.70
N ALA A 216 -1.21 4.41 6.10
CA ALA A 216 -2.27 5.43 6.14
C ALA A 216 -2.11 6.40 4.96
N VAL A 217 -3.16 6.52 4.15
CA VAL A 217 -3.28 7.57 3.14
C VAL A 217 -4.71 8.10 3.19
N PRO A 218 -4.95 9.33 3.65
CA PRO A 218 -6.34 9.80 3.86
C PRO A 218 -7.03 10.31 2.61
N TYR A 219 -7.13 9.44 1.60
CA TYR A 219 -7.94 9.71 0.42
C TYR A 219 -8.85 8.52 0.16
N LEU A 220 -10.13 8.81 -0.09
CA LEU A 220 -11.18 7.81 -0.21
C LEU A 220 -11.90 8.03 -1.54
N VAL A 221 -12.29 6.93 -2.20
CA VAL A 221 -13.01 6.99 -3.46
C VAL A 221 -14.31 6.21 -3.34
N SER A 222 -15.38 6.69 -3.99
CA SER A 222 -16.70 6.12 -3.86
C SER A 222 -17.27 5.73 -5.22
N SER A 223 -18.13 4.71 -5.21
CA SER A 223 -18.87 4.33 -6.41
C SER A 223 -19.86 5.40 -6.86
N ARG A 224 -20.21 6.34 -5.98
CA ARG A 224 -21.13 7.42 -6.30
C ARG A 224 -20.45 8.58 -7.03
N ASN A 225 -19.27 8.34 -7.61
CA ASN A 225 -18.62 9.28 -8.53
C ASN A 225 -18.05 10.50 -7.81
N TYR A 226 -17.27 10.25 -6.76
CA TYR A 226 -16.53 11.33 -6.10
C TYR A 226 -15.35 10.74 -5.35
N GLY A 227 -14.44 11.63 -4.95
CA GLY A 227 -13.38 11.30 -4.03
C GLY A 227 -13.29 12.35 -2.94
N LEU A 228 -12.63 11.98 -1.84
CA LEU A 228 -12.52 12.85 -0.68
C LEU A 228 -11.08 12.83 -0.18
N LEU A 229 -10.48 14.01 -0.07
CA LEU A 229 -9.18 14.16 0.59
C LEU A 229 -9.41 14.77 1.96
N TRP A 230 -8.99 14.05 3.00
CA TRP A 230 -9.18 14.46 4.39
C TRP A 230 -7.83 14.97 4.89
N ASP A 231 -7.66 16.30 4.91
CA ASP A 231 -6.36 16.91 5.18
C ASP A 231 -6.17 17.01 6.69
N ASN A 232 -5.72 15.90 7.28
CA ASN A 232 -5.40 15.82 8.69
C ASN A 232 -4.26 14.81 8.84
N ASN A 233 -3.29 15.13 9.71
CA ASN A 233 -2.09 14.32 9.85
C ASN A 233 -2.06 13.45 11.10
N SER A 234 -3.12 13.49 11.92
CA SER A 234 -3.16 12.70 13.16
C SER A 234 -3.85 11.35 12.92
N ILE A 235 -3.85 10.51 13.96
CA ILE A 235 -4.57 9.24 13.91
C ILE A 235 -6.01 9.50 13.52
N THR A 236 -6.52 8.72 12.56
CA THR A 236 -7.76 9.04 11.87
C THR A 236 -8.59 7.77 11.71
N ARG A 237 -9.91 7.90 11.79
CA ARG A 237 -10.79 6.74 11.82
C ARG A 237 -11.94 6.91 10.83
N LEU A 238 -12.08 5.94 9.93
CA LEU A 238 -13.29 5.74 9.14
C LEU A 238 -14.24 4.83 9.91
N GLY A 239 -15.50 5.23 10.03
CA GLY A 239 -16.48 4.44 10.76
C GLY A 239 -16.62 4.88 12.20
N ASP A 240 -16.55 3.90 13.11
CA ASP A 240 -16.67 4.10 14.55
C ASP A 240 -15.56 5.05 15.04
N PRO A 241 -15.91 6.24 15.51
CA PRO A 241 -14.89 7.20 15.95
C PRO A 241 -14.24 6.87 17.28
N ARG A 242 -14.71 5.81 17.96
CA ARG A 242 -14.22 5.44 19.28
C ARG A 242 -13.06 4.44 19.25
N GLY A 243 -12.89 3.65 18.19
CA GLY A 243 -11.83 2.65 18.17
C GLY A 243 -12.12 1.47 19.10
N LEU A 244 -11.21 0.51 19.06
CA LEU A 244 -11.45 -0.79 19.68
C LEU A 244 -11.40 -0.70 21.21
N GLN A 245 -12.40 -1.35 21.88
CA GLN A 245 -12.59 -1.28 23.33
C GLN A 245 -12.03 -2.52 24.03
N PRO A 246 -11.61 -2.39 25.28
CA PRO A 246 -11.35 -3.58 26.08
C PRO A 246 -12.59 -4.46 26.13
N LEU A 247 -12.36 -5.76 26.24
CA LEU A 247 -13.45 -6.74 26.18
C LEU A 247 -14.59 -6.46 27.16
N PRO A 248 -14.36 -6.15 28.44
CA PRO A 248 -15.48 -6.00 29.38
C PRO A 248 -16.22 -4.67 29.28
N LYS A 249 -15.86 -3.77 28.38
CA LYS A 249 -16.45 -2.44 28.41
C LYS A 249 -17.94 -2.48 28.09
N THR A 250 -18.32 -3.18 27.02
CA THR A 250 -19.72 -3.31 26.63
C THR A 250 -20.08 -4.77 26.41
N LEU A 251 -19.53 -5.66 27.24
CA LEU A 251 -19.84 -7.09 27.24
C LEU A 251 -19.82 -7.62 28.66
N THR A 252 -20.70 -8.58 28.95
CA THR A 252 -20.67 -9.33 30.21
C THR A 252 -19.90 -10.63 29.99
N LEU A 253 -18.94 -10.91 30.88
CA LEU A 253 -18.11 -12.08 30.79
C LEU A 253 -18.52 -13.13 31.82
N TYR A 254 -18.32 -14.40 31.48
CA TYR A 254 -18.51 -15.53 32.40
C TYR A 254 -17.37 -16.51 32.20
N ASP A 255 -16.75 -16.97 33.29
CA ASP A 255 -15.59 -17.85 33.12
C ASP A 255 -16.04 -19.28 32.84
N ALA A 256 -15.07 -20.20 32.76
CA ALA A 256 -15.35 -21.56 32.30
C ALA A 256 -16.20 -22.35 33.29
N LYS A 257 -16.48 -21.79 34.47
CA LYS A 257 -17.36 -22.39 35.45
C LYS A 257 -18.61 -21.54 35.68
N GLY A 258 -18.95 -20.68 34.72
CA GLY A 258 -20.16 -19.90 34.77
C GLY A 258 -20.16 -18.69 35.68
N LYS A 259 -19.07 -18.41 36.38
CA LYS A 259 -19.04 -17.27 37.29
C LYS A 259 -18.82 -15.99 36.50
N ALA A 260 -19.67 -14.99 36.75
CA ALA A 260 -19.60 -13.75 35.99
C ALA A 260 -18.36 -12.94 36.35
N GLY A 261 -17.92 -12.11 35.41
CA GLY A 261 -16.90 -11.11 35.66
C GLY A 261 -15.57 -11.32 34.96
N ALA A 262 -15.30 -12.51 34.40
CA ALA A 262 -13.99 -12.77 33.82
C ALA A 262 -14.06 -14.01 32.96
N LEU A 263 -12.95 -14.27 32.27
CA LEU A 263 -12.70 -15.54 31.60
C LEU A 263 -11.66 -16.33 32.40
N THR A 264 -11.44 -17.57 31.99
CA THR A 264 -10.49 -18.46 32.66
C THR A 264 -9.20 -18.54 31.85
N ALA A 265 -8.09 -18.10 32.44
CA ALA A 265 -6.79 -18.08 31.78
C ALA A 265 -5.90 -19.18 32.34
N ARG A 266 -5.37 -20.01 31.45
CA ARG A 266 -4.48 -21.12 31.81
C ARG A 266 -3.14 -20.95 31.10
N TYR A 267 -2.05 -20.93 31.87
CA TYR A 267 -0.71 -20.70 31.35
C TYR A 267 0.13 -21.98 31.43
N ALA A 268 0.94 -22.22 30.40
CA ALA A 268 1.76 -23.42 30.35
C ALA A 268 3.10 -23.11 29.72
N ILE A 269 4.08 -23.97 30.02
CA ILE A 269 5.40 -23.91 29.43
C ILE A 269 5.70 -25.27 28.81
N ASN A 270 5.87 -25.31 27.49
CA ASN A 270 6.19 -26.54 26.77
C ASN A 270 5.16 -27.63 27.01
N GLY A 271 3.89 -27.24 27.06
CA GLY A 271 2.83 -28.20 27.26
C GLY A 271 2.65 -28.64 28.70
N LYS A 272 3.29 -27.97 29.65
CA LYS A 272 3.18 -28.27 31.07
C LYS A 272 2.48 -27.11 31.75
N HIS A 273 1.30 -27.37 32.33
CA HIS A 273 0.51 -26.32 32.96
C HIS A 273 1.25 -25.68 34.12
N ILE A 274 1.16 -24.36 34.22
CA ILE A 274 1.82 -23.59 35.27
C ILE A 274 0.82 -23.03 36.27
N LEU A 275 -0.20 -22.30 35.81
CA LEU A 275 -1.19 -21.75 36.72
C LEU A 275 -2.44 -21.36 35.95
N GLU A 276 -3.51 -21.13 36.72
CA GLU A 276 -4.80 -20.70 36.21
C GLU A 276 -5.26 -19.49 37.00
N ARG A 277 -5.97 -18.58 36.34
CA ARG A 277 -6.54 -17.43 37.04
C ARG A 277 -7.65 -16.81 36.21
N ARG A 278 -8.50 -16.05 36.88
CA ARG A 278 -9.54 -15.28 36.22
C ARG A 278 -8.94 -13.98 35.68
N GLU A 279 -9.42 -13.55 34.52
CA GLU A 279 -8.97 -12.31 33.90
C GLU A 279 -10.15 -11.63 33.23
N SER A 280 -10.33 -10.35 33.49
CA SER A 280 -11.45 -9.60 32.95
C SER A 280 -11.14 -8.97 31.59
N GLU A 281 -9.91 -9.08 31.11
CA GLU A 281 -9.53 -8.60 29.79
C GLU A 281 -8.55 -9.60 29.17
N VAL A 282 -8.51 -9.63 27.85
CA VAL A 282 -7.45 -10.34 27.15
C VAL A 282 -6.53 -9.27 26.57
N ASN A 283 -5.46 -8.94 27.30
CA ASN A 283 -4.67 -7.76 26.94
C ASN A 283 -3.20 -8.00 27.30
N TYR A 284 -2.44 -8.48 26.32
CA TYR A 284 -0.99 -8.36 26.30
C TYR A 284 -0.59 -7.64 25.01
N GLN A 285 -1.23 -6.50 24.74
CA GLN A 285 -1.13 -5.92 23.40
C GLN A 285 0.23 -5.30 23.15
N TYR A 286 0.74 -4.51 24.11
CA TYR A 286 1.96 -3.73 23.95
C TYR A 286 2.96 -4.07 25.05
N LEU A 287 4.18 -3.54 24.90
CA LEU A 287 5.25 -3.83 25.85
C LEU A 287 4.85 -3.49 27.28
N SER A 288 4.21 -2.34 27.48
CA SER A 288 3.77 -1.96 28.82
C SER A 288 2.77 -2.94 29.41
N ASP A 289 2.05 -3.67 28.57
CA ASP A 289 1.09 -4.65 29.06
C ASP A 289 1.76 -5.95 29.53
N LEU A 290 3.01 -6.20 29.11
CA LEU A 290 3.65 -7.46 29.43
C LEU A 290 4.02 -7.60 30.90
N THR A 291 4.01 -6.51 31.66
CA THR A 291 4.37 -6.60 33.08
C THR A 291 3.37 -7.40 33.91
N LYS A 292 2.19 -7.72 33.36
CA LYS A 292 1.18 -8.48 34.06
C LYS A 292 1.23 -9.98 33.76
N TYR A 293 2.07 -10.40 32.82
CA TYR A 293 2.20 -11.81 32.51
C TYR A 293 2.80 -12.53 33.71
N PRO A 294 2.23 -13.66 34.14
CA PRO A 294 2.76 -14.35 35.33
C PRO A 294 4.22 -14.72 35.17
N LYS A 295 5.03 -14.24 36.12
CA LYS A 295 6.48 -14.45 36.04
C LYS A 295 6.83 -15.93 36.07
N LYS A 296 6.07 -16.72 36.83
CA LYS A 296 6.33 -18.17 36.88
C LYS A 296 6.12 -18.84 35.54
N ALA A 297 5.30 -18.26 34.65
CA ALA A 297 4.94 -18.89 33.40
C ALA A 297 5.81 -18.45 32.24
N ILE A 298 6.86 -17.68 32.50
CA ILE A 298 7.76 -17.18 31.45
C ILE A 298 8.99 -18.06 31.37
N THR A 299 9.30 -18.53 30.18
CA THR A 299 10.58 -19.19 29.90
C THR A 299 11.25 -18.48 28.75
N LYS A 300 12.55 -18.21 28.90
CA LYS A 300 13.35 -17.62 27.85
C LYS A 300 14.29 -18.63 27.21
N ASP A 301 14.12 -19.91 27.52
CA ASP A 301 14.93 -20.97 26.94
C ASP A 301 14.87 -20.91 25.41
N LYS A 302 16.00 -21.25 24.78
CA LYS A 302 16.16 -20.97 23.35
C LYS A 302 15.05 -21.63 22.52
N ASN A 303 14.65 -22.84 22.87
CA ASN A 303 13.64 -23.57 22.11
C ASN A 303 12.57 -24.10 23.04
N SER A 304 12.11 -23.26 23.95
CA SER A 304 10.91 -23.50 24.73
C SER A 304 9.81 -22.57 24.25
N ARG A 305 8.58 -23.09 24.21
CA ARG A 305 7.42 -22.29 23.84
C ARG A 305 6.49 -22.18 25.05
N MET A 306 5.61 -21.19 25.01
CA MET A 306 4.59 -20.99 26.02
C MET A 306 3.21 -21.16 25.39
N GLN A 307 2.22 -21.45 26.23
CA GLN A 307 0.84 -21.52 25.78
C GLN A 307 -0.06 -20.82 26.79
N VAL A 308 -1.05 -20.10 26.29
CA VAL A 308 -2.12 -19.53 27.11
C VAL A 308 -3.44 -19.85 26.44
N THR A 309 -4.43 -20.24 27.25
CA THR A 309 -5.81 -20.35 26.79
C THR A 309 -6.69 -19.44 27.63
N TRP A 310 -7.70 -18.85 26.98
CA TRP A 310 -8.80 -18.15 27.63
C TRP A 310 -10.08 -18.88 27.25
N GLU A 311 -10.93 -19.13 28.24
CA GLU A 311 -12.16 -19.88 27.99
C GLU A 311 -13.29 -19.32 28.83
N GLY A 312 -14.46 -19.18 28.24
CA GLY A 312 -15.61 -18.64 28.96
C GLY A 312 -16.76 -18.33 28.03
N GLU A 313 -17.60 -17.39 28.46
CA GLU A 313 -18.72 -16.94 27.66
C GLU A 313 -18.79 -15.42 27.68
N ILE A 314 -19.41 -14.85 26.65
CA ILE A 314 -19.68 -13.42 26.58
C ILE A 314 -21.17 -13.21 26.34
N GLU A 315 -21.62 -11.99 26.64
CA GLU A 315 -23.00 -11.57 26.39
C GLU A 315 -23.02 -10.07 26.12
N VAL A 316 -23.78 -9.65 25.10
CA VAL A 316 -23.81 -8.25 24.70
C VAL A 316 -24.90 -7.51 25.49
N LEU A 317 -24.75 -6.19 25.57
CA LEU A 317 -25.74 -5.32 26.20
C LEU A 317 -26.65 -4.65 25.18
N THR A 318 -26.21 -4.55 23.93
CA THR A 318 -27.00 -3.96 22.85
C THR A 318 -26.95 -4.90 21.65
N GLY A 319 -28.10 -5.12 21.02
CA GLY A 319 -28.17 -6.05 19.91
C GLY A 319 -27.75 -5.44 18.58
N GLY A 320 -27.28 -6.30 17.68
CA GLY A 320 -26.89 -5.85 16.36
C GLY A 320 -25.57 -6.45 15.88
N GLU A 321 -24.88 -5.73 15.00
CA GLU A 321 -23.59 -6.20 14.48
C GLU A 321 -22.47 -5.72 15.41
N HIS A 322 -21.78 -6.66 16.03
CA HIS A 322 -20.61 -6.39 16.85
C HIS A 322 -19.36 -6.75 16.08
N THR A 323 -18.35 -5.87 16.12
CA THR A 323 -17.07 -6.17 15.49
C THR A 323 -16.01 -6.40 16.57
N PHE A 324 -15.00 -7.17 16.21
CA PHE A 324 -13.96 -7.59 17.13
C PHE A 324 -12.63 -7.57 16.40
N SER A 325 -11.56 -7.55 17.18
CA SER A 325 -10.23 -7.77 16.65
C SER A 325 -9.46 -8.68 17.60
N LEU A 326 -8.91 -9.76 17.07
CA LEU A 326 -7.91 -10.55 17.78
C LEU A 326 -6.55 -10.06 17.28
N TYR A 327 -5.97 -9.13 18.04
CA TYR A 327 -4.61 -8.65 17.80
C TYR A 327 -3.64 -9.71 18.31
N SER A 328 -2.75 -10.21 17.46
CA SER A 328 -1.94 -11.34 17.90
C SER A 328 -0.67 -11.52 17.08
N SER A 329 0.39 -12.02 17.74
CA SER A 329 1.56 -12.60 17.09
C SER A 329 1.73 -14.05 17.53
N GLU A 330 2.59 -14.77 16.80
CA GLU A 330 2.77 -16.23 16.88
C GLU A 330 1.41 -16.89 16.58
N TYR A 331 1.18 -18.12 17.07
CA TYR A 331 -0.03 -18.86 16.73
C TYR A 331 -1.20 -18.43 17.61
N ALA A 332 -2.33 -18.11 16.97
CA ALA A 332 -3.53 -17.74 17.70
C ALA A 332 -4.77 -18.28 17.00
N LYS A 333 -5.60 -19.00 17.75
CA LYS A 333 -6.92 -19.44 17.30
C LYS A 333 -7.98 -18.82 18.21
N LEU A 334 -9.17 -18.63 17.65
CA LEU A 334 -10.31 -18.15 18.41
C LEU A 334 -11.55 -18.88 17.93
N TYR A 335 -12.26 -19.51 18.88
CA TYR A 335 -13.52 -20.20 18.61
C TYR A 335 -14.66 -19.44 19.26
N VAL A 336 -15.73 -19.20 18.50
CA VAL A 336 -16.98 -18.66 19.04
C VAL A 336 -18.08 -19.68 18.78
N ASP A 337 -18.81 -20.05 19.84
CA ASP A 337 -19.82 -21.11 19.77
C ASP A 337 -19.25 -22.35 19.09
N GLY A 338 -18.00 -22.67 19.43
CA GLY A 338 -17.31 -23.82 18.89
C GLY A 338 -16.92 -23.71 17.43
N LYS A 339 -17.18 -22.59 16.77
CA LYS A 339 -16.83 -22.40 15.38
C LYS A 339 -15.52 -21.61 15.29
N LEU A 340 -14.56 -22.15 14.54
CA LEU A 340 -13.28 -21.47 14.35
C LEU A 340 -13.50 -20.16 13.58
N VAL A 341 -13.03 -19.06 14.15
CA VAL A 341 -13.25 -17.73 13.61
C VAL A 341 -11.94 -17.06 13.19
N VAL A 342 -10.88 -17.25 13.97
CA VAL A 342 -9.54 -16.77 13.62
C VAL A 342 -8.59 -17.95 13.76
N ASP A 343 -7.67 -18.09 12.80
CA ASP A 343 -6.64 -19.13 12.87
C ASP A 343 -5.43 -18.57 12.14
N ARG A 344 -4.48 -18.01 12.91
CA ARG A 344 -3.48 -17.11 12.35
C ARG A 344 -2.11 -17.39 12.96
N TRP A 345 -1.07 -17.09 12.18
CA TRP A 345 0.29 -16.96 12.69
C TRP A 345 0.93 -15.69 12.14
N ARG A 346 1.65 -14.98 13.02
CA ARG A 346 2.58 -13.92 12.62
C ARG A 346 3.83 -14.04 13.48
N GLN A 347 4.93 -13.46 13.01
CA GLN A 347 6.16 -13.50 13.80
C GLN A 347 5.99 -12.70 15.08
N ASN A 348 6.67 -13.15 16.14
CA ASN A 348 6.36 -12.71 17.50
C ASN A 348 6.44 -11.20 17.67
N TRP A 349 7.37 -10.55 16.96
CA TRP A 349 7.59 -9.11 17.14
C TRP A 349 6.73 -8.24 16.22
N ASN A 350 5.82 -8.82 15.43
CA ASN A 350 4.92 -8.04 14.58
C ASN A 350 3.51 -8.59 14.66
N PRO A 351 2.84 -8.42 15.80
CA PRO A 351 1.42 -8.72 15.87
C PRO A 351 0.61 -7.72 15.07
N TRP A 352 -0.60 -8.10 14.69
CA TRP A 352 -1.51 -7.15 14.07
C TRP A 352 -2.96 -7.59 14.29
N ASN A 353 -3.88 -6.73 13.88
CA ASN A 353 -5.31 -6.95 14.06
C ASN A 353 -5.83 -8.00 13.08
N HIS A 354 -6.62 -8.94 13.61
CA HIS A 354 -7.34 -9.92 12.79
C HIS A 354 -8.81 -9.81 13.17
N GLU A 355 -9.57 -9.06 12.38
CA GLU A 355 -10.92 -8.68 12.73
C GLU A 355 -11.94 -9.73 12.29
N PHE A 356 -13.04 -9.81 13.03
CA PHE A 356 -14.20 -10.61 12.64
C PHE A 356 -15.44 -9.86 13.12
N LYS A 357 -16.62 -10.40 12.80
CA LYS A 357 -17.85 -9.76 13.23
C LYS A 357 -18.92 -10.81 13.49
N LEU A 358 -19.87 -10.46 14.34
CA LEU A 358 -20.92 -11.36 14.78
C LEU A 358 -22.20 -10.56 14.97
N ASP A 359 -23.33 -11.18 14.65
CA ASP A 359 -24.64 -10.62 15.01
C ASP A 359 -25.06 -11.24 16.34
N LEU A 360 -25.14 -10.40 17.37
CA LEU A 360 -25.42 -10.87 18.72
C LEU A 360 -26.56 -10.05 19.32
N GLU A 361 -27.32 -10.69 20.19
CA GLU A 361 -28.45 -10.07 20.87
C GLU A 361 -28.35 -10.31 22.37
N PRO A 362 -28.77 -9.34 23.18
CA PRO A 362 -28.69 -9.52 24.63
C PRO A 362 -29.60 -10.63 25.12
N GLY A 363 -29.21 -11.23 26.24
CA GLY A 363 -29.96 -12.30 26.86
C GLY A 363 -29.38 -13.68 26.63
N GLN A 364 -28.61 -13.87 25.57
CA GLN A 364 -28.01 -15.15 25.26
C GLN A 364 -26.49 -15.10 25.41
N ARG A 365 -25.93 -16.17 25.94
CA ARG A 365 -24.48 -16.30 26.08
C ARG A 365 -23.90 -17.01 24.86
N HIS A 366 -22.63 -16.74 24.61
CA HIS A 366 -21.88 -17.38 23.53
C HIS A 366 -20.51 -17.76 24.06
N THR A 367 -20.03 -18.96 23.71
CA THR A 367 -18.74 -19.41 24.20
C THR A 367 -17.61 -18.77 23.40
N VAL A 368 -16.52 -18.48 24.11
CA VAL A 368 -15.28 -18.00 23.52
C VAL A 368 -14.14 -18.87 24.01
N LYS A 369 -13.23 -19.20 23.11
CA LYS A 369 -12.05 -19.98 23.45
C LYS A 369 -10.89 -19.44 22.63
N VAL A 370 -9.84 -18.99 23.31
CA VAL A 370 -8.64 -18.48 22.67
C VAL A 370 -7.50 -19.44 22.97
N GLU A 371 -6.73 -19.80 21.94
CA GLU A 371 -5.59 -20.69 22.10
C GLU A 371 -4.36 -20.01 21.50
N TRP A 372 -3.40 -19.69 22.37
CA TRP A 372 -2.21 -18.91 22.03
C TRP A 372 -0.99 -19.78 22.28
N ASP A 373 -0.14 -19.93 21.25
CA ASP A 373 1.12 -20.66 21.35
C ASP A 373 2.23 -19.73 20.89
N LEU A 374 3.12 -19.34 21.81
CA LEU A 374 3.95 -18.15 21.63
C LEU A 374 5.37 -18.41 22.10
N ILE A 375 6.23 -17.39 21.91
CA ILE A 375 7.59 -17.36 22.43
C ILE A 375 7.84 -15.98 23.03
N ASP A 376 8.90 -15.86 23.81
CA ASP A 376 9.17 -14.62 24.54
C ASP A 376 9.93 -13.62 23.67
N PRO A 377 9.40 -12.40 23.43
CA PRO A 377 8.06 -11.97 23.84
C PRO A 377 7.06 -12.06 22.68
N SER A 378 5.78 -12.21 23.00
CA SER A 378 4.72 -12.18 22.01
C SER A 378 3.57 -11.33 22.55
N TYR A 379 2.58 -11.07 21.69
CA TYR A 379 1.54 -10.11 22.03
C TYR A 379 0.18 -10.64 21.57
N ILE A 380 -0.85 -10.33 22.36
CA ILE A 380 -2.22 -10.71 22.02
C ILE A 380 -3.16 -9.74 22.71
N ALA A 381 -4.35 -9.58 22.13
CA ALA A 381 -5.42 -8.82 22.74
C ALA A 381 -6.71 -9.15 22.02
N LEU A 382 -7.80 -9.26 22.76
CA LEU A 382 -9.13 -9.43 22.19
C LEU A 382 -9.94 -8.17 22.49
N LEU A 383 -10.30 -7.43 21.45
CA LEU A 383 -10.95 -6.13 21.56
C LEU A 383 -12.27 -6.14 20.77
N HIS A 384 -13.09 -5.13 21.03
CA HIS A 384 -14.51 -5.19 20.68
C HIS A 384 -15.05 -3.78 20.43
N ARG A 385 -16.00 -3.69 19.48
CA ARG A 385 -16.79 -2.48 19.25
C ARG A 385 -18.26 -2.87 19.29
N ASP A 386 -19.04 -2.15 20.10
CA ASP A 386 -20.48 -2.38 20.06
C ASP A 386 -21.13 -1.51 18.99
N PRO A 387 -22.37 -1.83 18.58
CA PRO A 387 -23.00 -1.06 17.51
C PRO A 387 -23.11 0.42 17.84
N LEU A 388 -22.97 1.25 16.82
CA LEU A 388 -23.24 2.68 16.95
C LEU A 388 -24.74 2.91 17.11
N PRO A 389 -25.14 4.08 17.60
CA PRO A 389 -26.58 4.42 17.60
C PRO A 389 -27.14 4.38 16.18
N ALA A 390 -28.41 4.00 16.08
CA ALA A 390 -29.03 3.85 14.77
C ALA A 390 -28.96 5.12 13.94
N ALA A 391 -29.03 6.29 14.59
CA ALA A 391 -29.00 7.56 13.86
C ALA A 391 -27.68 7.81 13.16
N GLU A 392 -26.59 7.16 13.58
CA GLU A 392 -25.29 7.37 12.96
C GLU A 392 -24.63 6.09 12.44
N ALA A 393 -25.26 4.92 12.63
CA ALA A 393 -24.63 3.66 12.28
C ALA A 393 -24.41 3.47 10.78
N LYS A 394 -25.20 4.15 9.93
CA LYS A 394 -25.08 4.01 8.48
C LYS A 394 -24.32 5.15 7.82
N ASP A 395 -23.83 6.11 8.59
CA ASP A 395 -23.18 7.26 7.98
C ASP A 395 -21.77 6.90 7.52
N LEU A 396 -21.29 7.66 6.54
CA LEU A 396 -19.86 7.73 6.25
C LEU A 396 -19.24 8.71 7.23
N SER A 397 -18.35 8.23 8.09
CA SER A 397 -17.83 9.03 9.19
C SER A 397 -16.32 9.08 9.14
N LEU A 398 -15.76 10.29 9.21
CA LEU A 398 -14.33 10.52 9.30
C LEU A 398 -14.01 11.29 10.58
N TRP A 399 -13.06 10.77 11.37
CA TRP A 399 -12.67 11.29 12.68
C TRP A 399 -11.16 11.44 12.73
N SER A 400 -10.68 12.47 13.41
CA SER A 400 -9.24 12.71 13.55
C SER A 400 -8.94 13.19 14.97
N GLU A 401 -7.85 12.66 15.53
CA GLU A 401 -7.55 12.87 16.94
C GLU A 401 -7.18 14.32 17.23
N ALA A 402 -6.44 14.96 16.33
CA ALA A 402 -5.87 16.27 16.65
C ALA A 402 -5.80 17.12 15.40
N GLY A 403 -6.37 18.32 15.51
CA GLY A 403 -6.28 19.32 14.47
C GLY A 403 -6.82 20.62 14.99
N GLN A 404 -7.07 21.55 14.07
CA GLN A 404 -7.66 22.84 14.40
C GLN A 404 -9.09 22.98 13.90
N MET A 405 -9.50 22.20 12.90
CA MET A 405 -10.78 22.37 12.24
C MET A 405 -11.06 21.14 11.37
N ILE A 406 -12.25 21.10 10.80
CA ILE A 406 -12.59 20.14 9.75
C ILE A 406 -12.16 20.73 8.43
N ASP A 407 -11.38 19.97 7.65
CA ASP A 407 -10.82 20.48 6.40
C ASP A 407 -10.71 19.31 5.43
N TYR A 408 -11.52 19.34 4.36
CA TYR A 408 -11.52 18.25 3.39
C TYR A 408 -11.82 18.81 2.01
N TYR A 409 -11.54 17.99 0.99
CA TYR A 409 -11.73 18.36 -0.40
C TYR A 409 -12.68 17.38 -1.06
N PHE A 410 -13.66 17.92 -1.78
CA PHE A 410 -14.60 17.13 -2.57
C PHE A 410 -14.14 17.11 -4.02
N VAL A 411 -13.97 15.92 -4.57
CA VAL A 411 -13.49 15.72 -5.92
C VAL A 411 -14.60 15.04 -6.73
N SER A 412 -15.16 15.74 -7.70
N SER A 412 -15.15 15.75 -7.70
CA SER A 412 -16.15 15.14 -8.58
CA SER A 412 -16.13 15.17 -8.60
C SER A 412 -15.44 14.31 -9.63
C SER A 412 -15.42 14.30 -9.63
N ALA A 413 -15.93 13.07 -9.83
CA ALA A 413 -15.23 12.09 -10.65
C ALA A 413 -16.20 11.31 -11.52
N ASP A 414 -16.16 11.56 -12.84
CA ASP A 414 -16.95 10.76 -13.77
C ASP A 414 -16.49 9.31 -13.82
N SER A 415 -15.28 9.02 -13.36
CA SER A 415 -14.76 7.67 -13.34
C SER A 415 -13.86 7.53 -12.14
N TYR A 416 -13.51 6.28 -11.81
CA TYR A 416 -12.51 6.06 -10.76
C TYR A 416 -11.18 6.69 -11.16
N ASP A 417 -10.83 6.64 -12.45
CA ASP A 417 -9.61 7.28 -12.94
C ASP A 417 -9.59 8.77 -12.60
N GLN A 418 -10.72 9.45 -12.81
CA GLN A 418 -10.75 10.89 -12.56
C GLN A 418 -10.67 11.18 -11.06
N ALA A 419 -11.16 10.28 -10.22
CA ALA A 419 -11.00 10.45 -8.78
C ALA A 419 -9.53 10.44 -8.39
N VAL A 420 -8.77 9.47 -8.91
CA VAL A 420 -7.34 9.43 -8.61
C VAL A 420 -6.65 10.67 -9.15
N ALA A 421 -7.06 11.13 -10.34
CA ALA A 421 -6.45 12.33 -10.93
C ALA A 421 -6.62 13.56 -10.04
N GLY A 422 -7.76 13.67 -9.36
CA GLY A 422 -7.94 14.78 -8.43
C GLY A 422 -7.04 14.70 -7.22
N TYR A 423 -6.73 13.49 -6.75
CA TYR A 423 -5.75 13.36 -5.66
C TYR A 423 -4.38 13.82 -6.11
N ARG A 424 -3.99 13.49 -7.34
CA ARG A 424 -2.69 13.91 -7.85
C ARG A 424 -2.65 15.42 -8.09
N ALA A 425 -3.77 16.02 -8.49
CA ALA A 425 -3.85 17.47 -8.56
C ALA A 425 -3.62 18.11 -7.19
N LEU A 426 -4.27 17.56 -6.16
CA LEU A 426 -4.21 18.17 -4.84
C LEU A 426 -2.89 17.92 -4.12
N THR A 427 -2.25 16.76 -4.32
CA THR A 427 -1.04 16.43 -3.58
C THR A 427 0.19 16.19 -4.44
N GLY A 428 0.10 16.36 -5.75
CA GLY A 428 1.28 16.32 -6.59
C GLY A 428 1.32 15.17 -7.58
N LYS A 429 1.90 15.41 -8.75
CA LYS A 429 2.00 14.35 -9.74
C LYS A 429 2.98 13.28 -9.27
N SER A 430 2.78 12.06 -9.78
CA SER A 430 3.62 10.94 -9.40
C SER A 430 4.90 10.97 -10.23
N THR A 431 6.03 11.26 -9.57
CA THR A 431 7.32 11.35 -10.25
C THR A 431 7.60 10.07 -11.05
N MET A 432 8.15 10.25 -12.25
CA MET A 432 8.61 9.09 -13.02
C MET A 432 9.78 8.43 -12.33
N LEU A 433 9.73 7.11 -12.24
CA LEU A 433 10.83 6.31 -11.72
C LEU A 433 11.71 5.82 -12.86
N PRO A 434 12.94 5.40 -12.59
CA PRO A 434 13.80 4.88 -13.66
C PRO A 434 13.19 3.64 -14.30
N LYS A 435 13.40 3.49 -15.61
CA LYS A 435 12.83 2.36 -16.33
C LYS A 435 13.29 1.03 -15.74
N TRP A 436 14.54 0.97 -15.27
CA TRP A 436 15.02 -0.27 -14.67
C TRP A 436 14.26 -0.64 -13.40
N ALA A 437 13.51 0.29 -12.80
CA ALA A 437 12.77 -0.04 -11.58
C ALA A 437 11.62 -0.98 -11.84
N TYR A 438 11.20 -1.13 -13.09
CA TYR A 438 10.09 -2.01 -13.45
C TYR A 438 10.58 -3.38 -13.93
N GLY A 439 11.87 -3.65 -13.84
CA GLY A 439 12.41 -4.98 -14.01
C GLY A 439 12.39 -5.76 -12.71
N PHE A 440 13.00 -6.94 -12.73
CA PHE A 440 13.01 -7.81 -11.55
C PHE A 440 14.03 -7.32 -10.53
N TRP A 441 13.62 -7.30 -9.26
CA TRP A 441 14.48 -6.96 -8.12
C TRP A 441 14.73 -8.22 -7.29
N GLN A 442 16.00 -8.47 -6.95
CA GLN A 442 16.35 -9.54 -6.03
C GLN A 442 16.92 -8.95 -4.75
N SER A 443 16.39 -9.37 -3.61
CA SER A 443 16.80 -8.88 -2.31
C SER A 443 16.93 -10.06 -1.36
N ARG A 444 17.51 -9.80 -0.19
CA ARG A 444 17.64 -10.80 0.85
C ARG A 444 17.72 -10.08 2.19
N GLU A 445 17.20 -10.71 3.23
CA GLU A 445 17.49 -10.34 4.61
C GLU A 445 18.35 -11.45 5.18
N ARG A 446 19.68 -11.37 5.01
CA ARG A 446 20.38 -10.28 4.34
C ARG A 446 21.62 -10.85 3.65
N TYR A 447 22.12 -10.22 2.58
CA TYR A 447 23.44 -10.58 2.10
C TYR A 447 24.47 -10.14 3.14
N LYS A 448 25.26 -11.09 3.63
CA LYS A 448 26.14 -10.83 4.78
C LYS A 448 27.54 -10.42 4.37
N SER A 449 27.86 -10.44 3.09
CA SER A 449 29.14 -9.97 2.59
C SER A 449 28.95 -9.45 1.17
N GLN A 450 29.91 -8.67 0.68
CA GLN A 450 29.81 -8.23 -0.70
C GLN A 450 30.02 -9.39 -1.67
N ASP A 451 30.79 -10.41 -1.26
CA ASP A 451 30.90 -11.60 -2.09
C ASP A 451 29.56 -12.31 -2.26
N GLU A 452 28.73 -12.33 -1.20
CA GLU A 452 27.41 -12.95 -1.32
C GLU A 452 26.51 -12.15 -2.26
N LEU A 453 26.49 -10.81 -2.10
CA LEU A 453 25.64 -9.98 -2.95
C LEU A 453 26.07 -10.08 -4.41
N VAL A 454 27.38 -9.96 -4.67
CA VAL A 454 27.85 -10.01 -6.06
C VAL A 454 27.67 -11.41 -6.62
N GLY A 455 27.89 -12.43 -5.80
CA GLY A 455 27.68 -13.80 -6.24
C GLY A 455 26.26 -14.07 -6.72
N ALA A 456 25.27 -13.42 -6.08
CA ALA A 456 23.88 -13.63 -6.49
C ALA A 456 23.64 -13.07 -7.88
N VAL A 457 24.09 -11.84 -8.14
CA VAL A 457 23.94 -11.26 -9.47
C VAL A 457 24.64 -12.12 -10.51
N ALA A 458 25.87 -12.56 -10.21
CA ALA A 458 26.60 -13.40 -11.16
C ALA A 458 25.89 -14.71 -11.44
N GLU A 459 25.18 -15.28 -10.45
CA GLU A 459 24.50 -16.55 -10.70
C GLU A 459 23.25 -16.35 -11.56
N TYR A 460 22.53 -15.24 -11.36
CA TYR A 460 21.44 -14.89 -12.27
C TYR A 460 21.96 -14.71 -13.69
N ARG A 461 23.14 -14.11 -13.85
CA ARG A 461 23.72 -13.94 -15.17
C ARG A 461 24.16 -15.28 -15.75
N LYS A 462 24.72 -16.16 -14.92
CA LYS A 462 25.15 -17.46 -15.40
C LYS A 462 23.97 -18.29 -15.91
N ARG A 463 22.81 -18.18 -15.27
CA ARG A 463 21.64 -18.94 -15.68
C ARG A 463 20.81 -18.24 -16.74
N LYS A 464 21.23 -17.06 -17.21
CA LYS A 464 20.49 -16.30 -18.21
C LYS A 464 19.07 -15.96 -17.74
N LEU A 465 18.90 -15.79 -16.43
CA LEU A 465 17.64 -15.30 -15.89
C LEU A 465 17.63 -13.78 -15.87
N SER A 466 16.42 -13.20 -15.94
CA SER A 466 16.28 -11.76 -16.03
C SER A 466 16.47 -11.12 -14.66
N LEU A 467 17.37 -10.15 -14.58
CA LEU A 467 17.64 -9.47 -13.31
C LEU A 467 18.14 -8.07 -13.60
N ASP A 468 17.49 -7.08 -13.00
CA ASP A 468 17.91 -5.70 -13.16
C ASP A 468 18.53 -5.10 -11.91
N ASN A 469 18.04 -5.49 -10.72
CA ASN A 469 18.36 -4.75 -9.51
C ASN A 469 18.66 -5.71 -8.35
N ILE A 470 19.68 -5.36 -7.55
CA ILE A 470 20.08 -6.13 -6.38
C ILE A 470 20.06 -5.20 -5.16
N VAL A 471 19.80 -5.78 -3.98
CA VAL A 471 19.52 -4.97 -2.79
C VAL A 471 20.39 -5.41 -1.63
N LEU A 472 21.00 -4.43 -0.97
CA LEU A 472 21.80 -4.65 0.24
C LEU A 472 20.98 -4.20 1.44
N ASP A 473 20.66 -5.13 2.33
CA ASP A 473 19.83 -4.87 3.51
C ASP A 473 20.70 -4.26 4.61
N TRP A 474 20.17 -4.22 5.82
CA TRP A 474 20.82 -3.62 6.99
C TRP A 474 22.11 -4.36 7.38
N SER A 475 22.79 -3.79 8.38
CA SER A 475 23.92 -4.41 9.10
C SER A 475 25.17 -4.60 8.23
N TYR A 476 25.37 -3.74 7.23
CA TYR A 476 26.64 -3.67 6.53
C TYR A 476 27.66 -2.79 7.27
N TRP A 477 27.24 -2.05 8.30
CA TRP A 477 28.06 -1.16 9.09
C TRP A 477 28.73 -1.91 10.24
N PRO A 478 29.78 -1.32 10.85
CA PRO A 478 30.29 -1.90 12.10
C PRO A 478 29.18 -1.94 13.13
N GLU A 479 29.14 -3.03 13.90
CA GLU A 479 27.97 -3.36 14.72
C GLU A 479 27.57 -2.20 15.64
N ASN A 480 28.54 -1.56 16.28
CA ASN A 480 28.24 -0.50 17.23
C ASN A 480 28.09 0.87 16.56
N ALA A 481 27.86 0.93 15.24
CA ALA A 481 27.94 2.20 14.52
C ALA A 481 26.78 2.38 13.55
N TRP A 482 25.59 1.93 13.93
CA TRP A 482 24.39 2.21 13.13
C TRP A 482 24.19 3.72 13.00
N GLY A 483 24.11 4.20 11.77
CA GLY A 483 23.96 5.61 11.49
C GLY A 483 25.23 6.29 10.99
N SER A 484 26.38 5.63 11.10
CA SER A 484 27.61 6.14 10.52
C SER A 484 27.64 6.00 9.00
N HIS A 485 26.90 5.02 8.46
CA HIS A 485 26.89 4.67 7.04
C HIS A 485 28.25 4.16 6.56
N ASP A 486 29.10 3.72 7.50
CA ASP A 486 30.35 3.05 7.20
C ASP A 486 30.10 1.57 6.90
N PHE A 487 31.13 0.89 6.38
CA PHE A 487 31.07 -0.53 6.07
C PHE A 487 32.02 -1.30 6.99
N ASP A 488 31.56 -2.45 7.47
CA ASP A 488 32.43 -3.37 8.21
C ASP A 488 33.43 -3.99 7.25
N PRO A 489 34.74 -3.74 7.40
CA PRO A 489 35.70 -4.26 6.42
C PRO A 489 35.81 -5.78 6.43
N GLN A 490 35.43 -6.45 7.52
CA GLN A 490 35.46 -7.92 7.55
C GLN A 490 34.58 -8.52 6.45
N HIS A 491 33.37 -7.98 6.29
CA HIS A 491 32.42 -8.50 5.33
C HIS A 491 32.24 -7.64 4.08
N PHE A 492 32.53 -6.35 4.16
CA PHE A 492 32.43 -5.44 3.02
C PHE A 492 33.72 -4.65 2.88
N PRO A 493 34.82 -5.31 2.53
CA PRO A 493 36.12 -4.62 2.52
C PRO A 493 36.30 -3.62 1.39
N ASP A 494 35.54 -3.72 0.30
CA ASP A 494 35.69 -2.82 -0.84
C ASP A 494 34.32 -2.45 -1.37
N PRO A 495 33.59 -1.59 -0.65
CA PRO A 495 32.24 -1.22 -1.12
C PRO A 495 32.25 -0.56 -2.49
N ASP A 496 33.26 0.27 -2.78
CA ASP A 496 33.35 0.87 -4.11
C ASP A 496 33.47 -0.19 -5.20
N GLY A 497 34.25 -1.24 -4.93
CA GLY A 497 34.38 -2.32 -5.89
C GLY A 497 33.15 -3.19 -5.98
N MET A 498 32.41 -3.32 -4.88
CA MET A 498 31.13 -4.02 -4.93
C MET A 498 30.18 -3.34 -5.91
N VAL A 499 30.06 -2.02 -5.82
CA VAL A 499 29.11 -1.30 -6.68
C VAL A 499 29.56 -1.38 -8.15
N LYS A 500 30.86 -1.22 -8.40
CA LYS A 500 31.38 -1.32 -9.76
C LYS A 500 31.14 -2.71 -10.34
N ALA A 501 31.32 -3.77 -9.54
CA ALA A 501 31.11 -5.12 -10.04
C ALA A 501 29.66 -5.33 -10.44
N VAL A 502 28.72 -4.76 -9.69
CA VAL A 502 27.32 -4.87 -10.03
C VAL A 502 27.00 -4.08 -11.30
N HIS A 503 27.51 -2.85 -11.38
CA HIS A 503 27.30 -2.05 -12.58
C HIS A 503 27.91 -2.71 -13.82
N ASP A 504 29.08 -3.32 -13.66
CA ASP A 504 29.70 -4.05 -14.77
C ASP A 504 28.86 -5.22 -15.26
N MET A 505 28.00 -5.78 -14.41
CA MET A 505 27.06 -6.81 -14.85
C MET A 505 25.70 -6.24 -15.24
N HIS A 506 25.63 -4.94 -15.51
CA HIS A 506 24.42 -4.29 -16.04
C HIS A 506 23.26 -4.40 -15.07
N ALA A 507 23.54 -4.17 -13.79
CA ALA A 507 22.53 -4.19 -12.74
C ALA A 507 22.70 -2.96 -11.86
N GLN A 508 21.59 -2.54 -11.24
CA GLN A 508 21.59 -1.44 -10.28
C GLN A 508 21.58 -2.02 -8.87
N ILE A 509 22.06 -1.23 -7.90
CA ILE A 509 22.13 -1.68 -6.52
C ILE A 509 21.50 -0.63 -5.60
N MET A 510 20.59 -1.09 -4.73
CA MET A 510 19.94 -0.26 -3.74
C MET A 510 20.46 -0.64 -2.36
N ILE A 511 20.54 0.34 -1.45
CA ILE A 511 21.08 0.11 -0.12
C ILE A 511 20.12 0.67 0.93
N SER A 512 20.02 -0.06 2.04
CA SER A 512 19.16 0.32 3.16
C SER A 512 19.73 1.50 3.93
N ILE A 513 18.87 2.47 4.25
CA ILE A 513 19.22 3.60 5.09
C ILE A 513 18.03 3.87 6.02
N TRP A 514 18.26 3.82 7.32
CA TRP A 514 17.25 4.01 8.33
C TRP A 514 17.22 5.45 8.80
N PRO A 515 16.16 5.85 9.53
CA PRO A 515 16.21 7.14 10.24
C PRO A 515 16.84 7.01 11.63
N LYS A 516 17.57 5.91 11.86
CA LYS A 516 18.00 5.49 13.19
C LYS A 516 19.50 5.70 13.37
N PHE A 517 19.90 6.18 14.55
CA PHE A 517 21.30 6.47 14.84
C PHE A 517 21.63 6.02 16.27
N TYR A 518 22.86 5.52 16.46
CA TYR A 518 23.41 5.21 17.79
C TYR A 518 24.06 6.47 18.38
N PRO A 519 23.87 6.73 19.68
CA PRO A 519 24.39 8.00 20.26
C PRO A 519 25.92 8.12 20.25
N THR A 520 26.65 7.04 19.96
CA THR A 520 28.11 7.15 19.91
C THR A 520 28.64 7.58 18.55
N THR A 521 27.79 7.73 17.54
CA THR A 521 28.25 8.05 16.19
C THR A 521 28.38 9.55 15.99
N ALA A 522 29.34 9.94 15.15
CA ALA A 522 29.48 11.34 14.80
C ALA A 522 28.18 11.89 14.22
N ASN A 523 27.49 11.10 13.39
CA ASN A 523 26.29 11.59 12.72
C ASN A 523 25.16 11.85 13.71
N TYR A 524 25.02 10.99 14.74
CA TYR A 524 24.05 11.26 15.80
C TYR A 524 24.35 12.58 16.48
N LYS A 525 25.62 12.83 16.81
CA LYS A 525 25.98 14.02 17.59
C LYS A 525 25.81 15.29 16.77
N GLU A 526 26.04 15.24 15.46
CA GLU A 526 25.76 16.41 14.62
C GLU A 526 24.27 16.74 14.62
N LEU A 527 23.42 15.71 14.47
CA LEU A 527 21.99 15.94 14.43
C LEU A 527 21.46 16.35 15.80
N ASP A 528 21.92 15.68 16.86
CA ASP A 528 21.50 16.01 18.22
C ASP A 528 21.91 17.43 18.60
N ALA A 529 23.14 17.83 18.25
CA ALA A 529 23.60 19.17 18.61
C ALA A 529 22.79 20.25 17.92
N ALA A 530 22.27 19.98 16.72
CA ALA A 530 21.43 20.93 16.01
C ALA A 530 19.97 20.89 16.46
N GLY A 531 19.60 19.96 17.34
CA GLY A 531 18.24 19.87 17.84
C GLY A 531 17.33 18.91 17.10
N PHE A 532 17.87 18.02 16.27
CA PHE A 532 17.06 17.21 15.37
C PHE A 532 17.12 15.71 15.69
N MET A 533 17.50 15.35 16.91
CA MET A 533 17.41 13.97 17.38
C MET A 533 16.36 13.88 18.47
N PHE A 534 15.41 12.96 18.31
CA PHE A 534 14.45 12.70 19.38
C PHE A 534 15.18 12.09 20.58
N LYS A 535 14.89 12.60 21.78
CA LYS A 535 15.76 12.34 22.92
C LYS A 535 15.31 11.21 23.84
N ARG A 536 14.02 10.87 23.86
CA ARG A 536 13.50 10.05 24.96
C ARG A 536 14.01 8.60 24.90
N ASN A 537 14.06 8.00 23.72
CA ASN A 537 14.47 6.59 23.65
C ASN A 537 15.86 6.38 24.23
N VAL A 538 16.74 7.37 24.11
CA VAL A 538 18.07 7.27 24.68
C VAL A 538 18.04 7.60 26.17
N GLU A 539 17.14 8.49 26.59
CA GLU A 539 17.05 8.84 28.00
C GLU A 539 16.57 7.66 28.85
N VAL A 540 15.62 6.87 28.34
CA VAL A 540 15.17 5.69 29.10
C VAL A 540 16.09 4.50 28.90
N GLY A 541 17.07 4.60 28.00
CA GLY A 541 18.05 3.53 27.82
C GLY A 541 17.55 2.31 27.08
N GLU A 542 16.52 2.46 26.25
CA GLU A 542 15.95 1.34 25.52
C GLU A 542 16.98 0.72 24.58
N LEU A 543 17.15 -0.60 24.67
CA LEU A 543 18.16 -1.32 23.90
C LEU A 543 17.54 -2.02 22.69
N ASP A 544 18.17 -1.87 21.53
CA ASP A 544 17.68 -2.56 20.35
C ASP A 544 18.09 -4.03 20.43
N TRP A 545 17.89 -4.78 19.34
CA TRP A 545 18.00 -6.23 19.30
C TRP A 545 19.34 -6.71 18.79
N ILE A 546 20.30 -5.81 18.56
CA ILE A 546 21.55 -6.16 17.91
C ILE A 546 22.56 -6.58 18.95
N GLY A 547 23.11 -7.79 18.81
CA GLY A 547 24.11 -8.30 19.73
C GLY A 547 23.72 -8.15 21.19
N LYS A 548 24.55 -7.43 21.95
CA LYS A 548 24.29 -7.19 23.36
C LYS A 548 23.13 -6.21 23.57
N GLY A 549 22.74 -5.45 22.56
CA GLY A 549 21.76 -4.41 22.74
C GLY A 549 22.39 -3.03 22.77
N TYR A 550 21.91 -2.11 21.93
CA TYR A 550 22.50 -0.78 21.81
C TYR A 550 21.44 0.29 22.02
N LYS A 551 21.81 1.34 22.74
CA LYS A 551 20.97 2.53 22.79
C LYS A 551 20.89 3.16 21.40
N ASN A 552 19.77 3.83 21.12
CA ASN A 552 19.51 4.32 19.78
C ASN A 552 18.32 5.29 19.82
N SER A 553 18.24 6.13 18.79
CA SER A 553 17.08 7.00 18.61
C SER A 553 16.91 7.30 17.12
N PHE A 554 15.82 8.00 16.79
CA PHE A 554 15.50 8.38 15.42
C PHE A 554 15.50 9.89 15.29
N TYR A 555 15.83 10.38 14.10
CA TYR A 555 15.95 11.82 13.90
C TYR A 555 14.61 12.43 13.53
N ASP A 556 14.56 13.77 13.57
CA ASP A 556 13.36 14.55 13.29
C ASP A 556 13.48 15.12 11.88
N PRO A 557 12.69 14.64 10.92
CA PRO A 557 12.84 15.08 9.52
C PRO A 557 12.08 16.33 9.12
N TYR A 558 11.27 16.92 10.01
CA TYR A 558 10.30 17.91 9.56
C TYR A 558 10.96 19.22 9.12
N SER A 559 12.09 19.59 9.70
CA SER A 559 12.78 20.81 9.33
C SER A 559 13.69 20.60 8.12
N GLU A 560 13.71 21.59 7.23
CA GLU A 560 14.61 21.54 6.09
C GLU A 560 16.07 21.48 6.52
N LYS A 561 16.41 22.03 7.70
CA LYS A 561 17.78 21.95 8.20
C LYS A 561 18.13 20.52 8.59
N ALA A 562 17.18 19.77 9.12
CA ALA A 562 17.45 18.38 9.46
C ALA A 562 17.59 17.53 8.21
N GLN A 563 16.73 17.77 7.21
CA GLN A 563 16.85 17.04 5.95
C GLN A 563 18.19 17.28 5.29
N ALA A 564 18.71 18.52 5.38
CA ALA A 564 19.99 18.85 4.78
C ALA A 564 21.13 18.07 5.44
N ILE A 565 21.12 18.00 6.77
CA ILE A 565 22.16 17.24 7.48
C ILE A 565 22.04 15.76 7.17
N TYR A 566 20.82 15.22 7.22
CA TYR A 566 20.60 13.80 6.96
C TYR A 566 21.10 13.41 5.58
N TRP A 567 20.74 14.19 4.55
CA TRP A 567 21.18 13.86 3.20
C TRP A 567 22.69 14.05 3.05
N ARG A 568 23.24 15.13 3.62
CA ARG A 568 24.67 15.38 3.44
C ARG A 568 25.50 14.22 3.93
N GLN A 569 25.13 13.67 5.09
CA GLN A 569 25.81 12.48 5.61
C GLN A 569 25.72 11.31 4.64
N ILE A 570 24.53 11.10 4.05
CA ILE A 570 24.35 9.99 3.11
C ILE A 570 25.13 10.25 1.83
N ASN A 571 25.12 11.50 1.36
CA ASN A 571 25.82 11.83 0.11
C ASN A 571 27.32 11.57 0.22
N GLU A 572 27.94 12.04 1.30
CA GLU A 572 29.37 11.82 1.52
C GLU A 572 29.70 10.33 1.63
N LYS A 573 28.91 9.57 2.38
CA LYS A 573 29.30 8.20 2.70
C LYS A 573 28.85 7.18 1.66
N LEU A 574 27.70 7.40 1.00
CA LEU A 574 27.11 6.34 0.18
C LEU A 574 26.87 6.78 -1.26
N ASN A 575 26.22 7.92 -1.49
CA ASN A 575 25.98 8.37 -2.86
C ASN A 575 27.28 8.55 -3.61
N SER A 576 28.36 8.94 -2.92
CA SER A 576 29.66 9.12 -3.55
C SER A 576 30.23 7.83 -4.10
N LYS A 577 29.73 6.68 -3.65
CA LYS A 577 30.20 5.38 -4.10
C LYS A 577 29.40 4.82 -5.27
N GLY A 578 28.33 5.49 -5.67
CA GLY A 578 27.60 5.14 -6.87
C GLY A 578 26.32 4.35 -6.67
N PHE A 579 25.84 4.20 -5.44
CA PHE A 579 24.58 3.50 -5.21
C PHE A 579 23.45 4.17 -5.99
N ASP A 580 22.54 3.34 -6.49
CA ASP A 580 21.52 3.79 -7.45
C ASP A 580 20.21 4.18 -6.81
N ALA A 581 19.91 3.66 -5.63
CA ALA A 581 18.57 3.81 -5.06
C ALA A 581 18.68 3.67 -3.55
N TRP A 582 17.65 4.17 -2.87
CA TRP A 582 17.65 4.28 -1.42
C TRP A 582 16.46 3.50 -0.87
N TRP A 583 16.75 2.53 0.00
CA TRP A 583 15.74 1.72 0.68
C TRP A 583 15.51 2.38 2.03
N MET A 584 14.50 3.24 2.10
CA MET A 584 14.29 4.11 3.26
C MET A 584 13.30 3.41 4.17
N ASP A 585 13.84 2.57 5.05
CA ASP A 585 13.10 1.61 5.85
C ASP A 585 12.63 2.24 7.17
N ALA A 586 11.63 1.59 7.77
CA ALA A 586 11.21 1.85 9.15
C ALA A 586 10.83 3.32 9.40
N ASP A 587 10.21 3.98 8.42
CA ASP A 587 9.86 5.39 8.59
C ASP A 587 8.41 5.58 9.03
N GLU A 588 7.90 4.68 9.87
CA GLU A 588 6.65 4.95 10.57
C GLU A 588 6.70 6.15 11.51
N PRO A 589 7.79 6.40 12.29
CA PRO A 589 9.01 5.64 12.48
C PRO A 589 8.85 4.53 13.53
N ASP A 590 9.61 3.44 13.35
CA ASP A 590 9.54 2.27 14.23
C ASP A 590 10.70 2.40 15.21
N VAL A 591 10.51 3.25 16.22
CA VAL A 591 11.58 3.57 17.17
C VAL A 591 11.95 2.34 18.01
N HIS A 592 10.94 1.62 18.49
CA HIS A 592 11.12 0.41 19.28
C HIS A 592 9.83 -0.38 19.13
N SER A 593 9.90 -1.55 18.51
CA SER A 593 8.68 -2.26 18.11
C SER A 593 7.82 -2.61 19.32
N ASN A 594 6.50 -2.46 19.14
CA ASN A 594 5.46 -2.89 20.06
C ASN A 594 5.34 -2.02 21.31
N LEU A 595 5.90 -0.82 21.30
CA LEU A 595 5.56 0.16 22.31
C LEU A 595 4.08 0.51 22.22
N ASP A 596 3.50 0.91 23.34
CA ASP A 596 2.15 1.47 23.28
C ASP A 596 2.20 2.83 22.60
N ILE A 597 1.01 3.30 22.19
CA ILE A 597 0.96 4.49 21.34
C ILE A 597 1.42 5.73 22.09
N ALA A 598 1.14 5.82 23.40
CA ALA A 598 1.65 6.96 24.16
C ALA A 598 3.17 7.05 24.10
N GLU A 599 3.86 5.90 24.18
CA GLU A 599 5.32 5.92 24.14
C GLU A 599 5.86 6.18 22.75
N ARG A 600 5.21 5.66 21.70
CA ARG A 600 5.61 6.00 20.33
C ARG A 600 5.54 7.51 20.13
N LYS A 601 4.46 8.13 20.62
CA LYS A 601 4.32 9.58 20.52
C LYS A 601 5.42 10.29 21.32
N ALA A 602 5.64 9.86 22.56
CA ALA A 602 6.55 10.57 23.46
C ALA A 602 8.00 10.48 22.96
N ARG A 603 8.34 9.42 22.25
CA ARG A 603 9.67 9.24 21.72
C ARG A 603 9.83 9.82 20.32
N THR A 604 8.81 10.52 19.82
CA THR A 604 8.90 11.19 18.53
C THR A 604 8.42 12.64 18.63
N THR A 605 8.57 13.27 19.79
CA THR A 605 8.03 14.61 20.00
C THR A 605 8.92 15.35 21.00
N PRO A 606 9.00 16.69 20.90
CA PRO A 606 8.39 17.53 19.87
C PRO A 606 9.17 17.50 18.56
N ASN A 607 8.49 17.68 17.43
CA ASN A 607 9.21 17.86 16.18
C ASN A 607 9.25 19.35 15.84
N ALA A 608 9.85 19.66 14.69
CA ALA A 608 10.12 21.05 14.32
C ALA A 608 8.86 21.86 14.10
N LEU A 609 7.72 21.22 13.84
CA LEU A 609 6.46 21.91 13.60
C LEU A 609 5.48 21.84 14.77
N GLY A 610 5.62 20.86 15.66
CA GLY A 610 4.65 20.63 16.71
C GLY A 610 4.82 19.24 17.31
N SER A 611 3.69 18.67 17.72
CA SER A 611 3.70 17.40 18.44
C SER A 611 3.52 16.22 17.50
N SER A 612 3.95 15.04 17.97
CA SER A 612 3.67 13.81 17.26
C SER A 612 2.20 13.42 17.32
N THR A 613 1.41 14.04 18.21
CA THR A 613 -0.03 13.80 18.19
C THR A 613 -0.67 14.46 16.99
N GLU A 614 -0.29 15.71 16.69
CA GLU A 614 -0.83 16.37 15.51
C GLU A 614 -0.29 15.77 14.21
N TYR A 615 0.93 15.23 14.22
CA TYR A 615 1.59 14.81 12.99
C TYR A 615 1.95 13.31 13.01
N PHE A 616 1.07 12.48 13.58
CA PHE A 616 1.45 11.08 13.82
C PHE A 616 1.72 10.33 12.51
N ASN A 617 0.89 10.53 11.49
CA ASN A 617 0.98 9.72 10.28
C ASN A 617 1.88 10.31 9.19
N SER A 618 2.48 11.48 9.40
CA SER A 618 3.10 12.19 8.29
C SER A 618 4.61 12.04 8.19
N TYR A 619 5.23 11.24 9.04
CA TYR A 619 6.70 11.15 9.08
C TYR A 619 7.34 10.88 7.73
N PRO A 620 6.92 9.88 6.94
CA PRO A 620 7.66 9.56 5.70
C PRO A 620 7.67 10.69 4.67
N LEU A 621 6.75 11.66 4.76
CA LEU A 621 6.67 12.68 3.70
C LEU A 621 7.89 13.60 3.72
N PRO A 622 8.22 14.30 4.82
CA PRO A 622 9.46 15.09 4.82
C PRO A 622 10.71 14.23 4.82
N HIS A 623 10.64 13.04 5.39
CA HIS A 623 11.81 12.15 5.44
C HIS A 623 12.27 11.78 4.02
N THR A 624 11.33 11.35 3.17
CA THR A 624 11.71 11.01 1.81
C THR A 624 11.97 12.24 0.95
N HIS A 625 11.28 13.35 1.24
CA HIS A 625 11.49 14.58 0.48
C HIS A 625 12.96 15.04 0.53
N GLY A 626 13.58 14.96 1.72
CA GLY A 626 14.95 15.42 1.84
C GLY A 626 15.92 14.63 0.97
N VAL A 627 15.73 13.31 0.92
CA VAL A 627 16.61 12.46 0.11
C VAL A 627 16.34 12.67 -1.37
N TYR A 628 15.06 12.85 -1.75
CA TYR A 628 14.73 13.11 -3.14
C TYR A 628 15.40 14.38 -3.62
N VAL A 629 15.25 15.47 -2.86
CA VAL A 629 15.84 16.75 -3.24
C VAL A 629 17.37 16.64 -3.32
N GLY A 630 17.98 16.04 -2.30
CA GLY A 630 19.43 15.90 -2.31
C GLY A 630 19.93 15.03 -3.44
N ASP A 631 19.32 13.85 -3.63
CA ASP A 631 19.75 12.96 -4.70
C ASP A 631 19.56 13.62 -6.06
N ARG A 632 18.46 14.37 -6.25
CA ARG A 632 18.22 14.98 -7.55
C ARG A 632 19.18 16.14 -7.80
N ALA A 633 19.56 16.88 -6.76
CA ALA A 633 20.55 17.94 -6.93
C ALA A 633 21.95 17.40 -7.14
N ALA A 634 22.19 16.12 -6.83
CA ALA A 634 23.56 15.59 -6.92
C ALA A 634 23.95 15.24 -8.35
N ASP A 635 23.01 14.71 -9.14
CA ASP A 635 23.26 14.43 -10.54
C ASP A 635 21.92 14.39 -11.26
N ASP A 636 21.96 14.19 -12.57
CA ASP A 636 20.77 14.33 -13.39
C ASP A 636 19.97 13.04 -13.55
N LYS A 637 20.39 11.95 -12.90
CA LYS A 637 19.65 10.70 -13.00
C LYS A 637 18.35 10.77 -12.21
N ARG A 638 17.35 10.01 -12.67
CA ARG A 638 16.11 9.89 -11.92
C ARG A 638 16.36 9.20 -10.58
N VAL A 639 15.66 9.68 -9.55
CA VAL A 639 15.74 9.13 -8.20
C VAL A 639 14.82 7.91 -8.09
N PHE A 640 15.22 6.91 -7.29
CA PHE A 640 14.32 5.87 -6.84
C PHE A 640 14.44 5.70 -5.33
N ILE A 641 13.30 5.69 -4.65
CA ILE A 641 13.21 5.45 -3.22
C ILE A 641 12.20 4.35 -2.97
N LEU A 642 12.55 3.39 -2.12
CA LEU A 642 11.60 2.42 -1.61
C LEU A 642 11.38 2.72 -0.13
N SER A 643 10.20 3.22 0.20
CA SER A 643 9.86 3.62 1.57
C SER A 643 8.88 2.61 2.15
N ARG A 644 9.09 2.25 3.42
CA ARG A 644 8.18 1.29 4.05
C ARG A 644 6.80 1.88 4.29
N LYS A 645 6.69 3.20 4.37
CA LYS A 645 5.43 3.89 4.52
C LYS A 645 5.31 4.95 3.44
N GLY A 646 4.15 4.99 2.78
CA GLY A 646 3.74 6.14 2.00
C GLY A 646 2.79 7.00 2.81
N TYR A 647 2.32 8.07 2.16
CA TYR A 647 1.39 8.99 2.79
C TYR A 647 0.84 9.89 1.68
N ALA A 648 -0.18 10.68 2.02
CA ALA A 648 -0.69 11.64 1.06
C ALA A 648 0.44 12.55 0.58
N GLY A 649 0.74 12.48 -0.72
CA GLY A 649 1.77 13.32 -1.31
C GLY A 649 3.11 12.63 -1.58
N THR A 650 3.37 11.46 -1.00
CA THR A 650 4.72 10.90 -1.15
C THR A 650 5.03 10.51 -2.59
N GLN A 651 4.04 10.44 -3.48
CA GLN A 651 4.32 10.08 -4.86
C GLN A 651 5.11 11.17 -5.60
N ARG A 652 5.16 12.39 -5.06
CA ARG A 652 5.84 13.49 -5.75
C ARG A 652 7.33 13.54 -5.40
N ASN A 653 7.84 12.61 -4.60
CA ASN A 653 9.25 12.56 -4.23
C ASN A 653 9.91 11.29 -4.75
N ALA A 654 9.35 10.70 -5.81
CA ALA A 654 9.87 9.49 -6.44
C ALA A 654 9.94 8.32 -5.45
N VAL A 655 8.85 8.11 -4.73
CA VAL A 655 8.78 7.13 -3.65
C VAL A 655 7.90 5.97 -4.06
N ALA A 656 8.47 4.78 -4.13
CA ALA A 656 7.73 3.53 -4.14
C ALA A 656 7.58 3.02 -2.71
N VAL A 657 6.57 2.17 -2.49
CA VAL A 657 6.30 1.64 -1.16
C VAL A 657 6.09 0.13 -1.25
N TRP A 658 6.15 -0.53 -0.11
CA TRP A 658 5.83 -1.95 -0.04
C TRP A 658 5.07 -2.23 1.26
N SER A 659 4.47 -3.41 1.33
CA SER A 659 3.49 -3.69 2.38
C SER A 659 4.14 -4.15 3.69
N GLY A 660 5.45 -4.20 3.77
CA GLY A 660 6.12 -4.41 5.04
C GLY A 660 6.33 -5.87 5.38
N ASP A 661 6.57 -6.12 6.66
CA ASP A 661 7.00 -7.43 7.14
C ASP A 661 5.81 -8.38 7.37
N ILE A 662 5.13 -8.68 6.26
CA ILE A 662 4.08 -9.71 6.27
C ILE A 662 4.75 -11.07 6.34
N VAL A 663 3.96 -12.14 6.48
CA VAL A 663 4.52 -13.46 6.76
C VAL A 663 4.23 -14.43 5.61
N SER A 664 4.98 -15.54 5.62
CA SER A 664 4.87 -16.58 4.60
C SER A 664 3.67 -17.47 4.91
N ARG A 665 2.48 -16.90 4.67
CA ARG A 665 1.21 -17.57 4.94
C ARG A 665 0.24 -17.28 3.80
N TRP A 666 -0.58 -18.29 3.47
CA TRP A 666 -1.51 -18.15 2.33
C TRP A 666 -2.49 -17.00 2.54
N ASP A 667 -2.95 -16.81 3.77
N ASP A 667 -2.94 -16.78 3.78
CA ASP A 667 -3.85 -15.69 4.07
CA ASP A 667 -3.88 -15.67 3.98
C ASP A 667 -3.19 -14.35 3.80
C ASP A 667 -3.21 -14.31 3.84
N ASP A 668 -1.92 -14.20 4.20
CA ASP A 668 -1.23 -12.94 3.96
C ASP A 668 -1.09 -12.66 2.46
N MET A 669 -0.78 -13.70 1.68
CA MET A 669 -0.68 -13.51 0.23
C MET A 669 -2.00 -13.01 -0.35
N ARG A 670 -3.10 -13.67 0.02
CA ARG A 670 -4.41 -13.24 -0.50
C ARG A 670 -4.74 -11.82 -0.04
N ASP A 671 -4.33 -11.46 1.17
CA ASP A 671 -4.66 -10.13 1.69
C ASP A 671 -4.02 -9.02 0.86
N GLN A 672 -2.85 -9.29 0.26
CA GLN A 672 -2.15 -8.25 -0.51
C GLN A 672 -2.91 -7.84 -1.78
N ILE A 673 -3.80 -8.69 -2.29
CA ILE A 673 -4.53 -8.35 -3.51
C ILE A 673 -5.42 -7.14 -3.28
N SER A 674 -6.27 -7.20 -2.24
CA SER A 674 -7.11 -6.05 -1.91
C SER A 674 -6.29 -4.89 -1.36
N GLY A 675 -5.20 -5.20 -0.64
CA GLY A 675 -4.31 -4.13 -0.21
C GLY A 675 -3.75 -3.34 -1.38
N GLY A 676 -3.35 -4.03 -2.45
CA GLY A 676 -2.77 -3.34 -3.58
C GLY A 676 -3.78 -2.52 -4.36
N VAL A 677 -5.01 -3.03 -4.48
CA VAL A 677 -6.04 -2.29 -5.20
C VAL A 677 -6.37 -1.00 -4.45
N ASN A 678 -6.58 -1.10 -3.13
CA ASN A 678 -6.90 0.08 -2.35
C ASN A 678 -5.72 1.05 -2.28
N MET A 679 -4.49 0.54 -2.31
CA MET A 679 -3.34 1.44 -2.38
C MET A 679 -3.39 2.27 -3.65
N ALA A 680 -3.68 1.63 -4.78
CA ALA A 680 -3.76 2.34 -6.06
C ALA A 680 -4.86 3.39 -6.03
N LEU A 681 -6.03 3.05 -5.52
CA LEU A 681 -7.13 4.01 -5.46
C LEU A 681 -6.91 5.07 -4.39
N SER A 682 -6.03 4.82 -3.41
CA SER A 682 -5.64 5.88 -2.48
C SER A 682 -4.75 6.92 -3.15
N GLY A 683 -4.11 6.58 -4.27
CA GLY A 683 -3.34 7.52 -5.06
C GLY A 683 -1.86 7.19 -5.25
N LEU A 684 -1.32 6.13 -4.63
CA LEU A 684 0.09 5.80 -4.79
C LEU A 684 0.24 4.68 -5.82
N PRO A 685 0.89 4.93 -6.96
CA PRO A 685 0.88 3.93 -8.05
C PRO A 685 2.04 2.96 -8.07
N ASN A 686 3.08 3.16 -7.27
CA ASN A 686 4.28 2.31 -7.32
C ASN A 686 4.37 1.57 -6.00
N TRP A 687 3.96 0.31 -6.01
CA TRP A 687 3.73 -0.47 -4.80
C TRP A 687 4.17 -1.91 -5.07
N THR A 688 4.59 -2.59 -4.00
CA THR A 688 5.07 -3.96 -4.14
C THR A 688 4.99 -4.65 -2.77
N PHE A 689 5.54 -5.85 -2.70
CA PHE A 689 5.58 -6.62 -1.46
C PHE A 689 6.76 -7.59 -1.55
N ASP A 690 7.03 -8.26 -0.44
CA ASP A 690 8.03 -9.33 -0.41
C ASP A 690 7.41 -10.60 -1.01
N ILE A 691 7.85 -10.99 -2.21
CA ILE A 691 7.40 -12.26 -2.77
C ILE A 691 7.69 -13.38 -1.79
N GLY A 692 6.67 -14.18 -1.47
CA GLY A 692 6.81 -15.27 -0.54
C GLY A 692 6.60 -14.89 0.91
N GLY A 693 6.56 -13.61 1.23
CA GLY A 693 6.44 -13.15 2.60
C GLY A 693 7.79 -12.94 3.26
N PHE A 694 7.78 -12.14 4.32
CA PHE A 694 9.04 -11.74 4.95
C PHE A 694 9.48 -12.73 6.02
N ALA A 695 8.67 -12.92 7.06
CA ALA A 695 9.02 -13.79 8.19
C ALA A 695 8.33 -15.14 8.07
N VAL A 696 9.02 -16.20 8.49
CA VAL A 696 8.58 -17.58 8.26
C VAL A 696 8.53 -18.35 9.58
N GLU A 697 7.71 -19.40 9.60
CA GLU A 697 7.63 -20.29 10.75
C GLU A 697 8.88 -21.16 10.84
N LYS A 698 9.05 -21.78 12.02
CA LYS A 698 10.24 -22.58 12.27
C LYS A 698 10.34 -23.77 11.32
N ARG A 699 9.21 -24.31 10.87
CA ARG A 699 9.25 -25.43 9.94
C ARG A 699 9.87 -25.03 8.61
N TYR A 700 9.77 -23.76 8.24
CA TYR A 700 10.41 -23.27 7.02
C TYR A 700 11.84 -22.81 7.27
N GLU A 701 12.08 -22.10 8.38
CA GLU A 701 13.42 -21.65 8.71
C GLU A 701 14.38 -22.81 8.88
N ASP A 702 13.94 -23.88 9.55
CA ASP A 702 14.77 -25.06 9.74
C ASP A 702 14.78 -25.97 8.53
N GLN A 703 14.00 -25.66 7.50
CA GLN A 703 13.98 -26.43 6.25
C GLN A 703 13.64 -27.89 6.52
N ASP A 704 12.61 -28.08 7.34
CA ASP A 704 12.04 -29.41 7.59
C ASP A 704 11.57 -30.01 6.26
N PRO A 705 12.12 -31.15 5.84
CA PRO A 705 11.73 -31.72 4.54
C PRO A 705 10.24 -31.98 4.41
N ALA A 706 9.54 -32.18 5.53
CA ALA A 706 8.11 -32.45 5.49
C ALA A 706 7.29 -31.27 5.02
N HIS A 707 7.83 -30.06 5.11
CA HIS A 707 7.11 -28.86 4.68
C HIS A 707 7.78 -28.16 3.50
N LEU A 708 8.81 -28.77 2.92
CA LEU A 708 9.42 -28.22 1.71
C LEU A 708 8.43 -28.10 0.55
N PRO A 709 7.53 -29.06 0.28
CA PRO A 709 6.58 -28.85 -0.83
C PRO A 709 5.68 -27.65 -0.65
N GLU A 710 5.16 -27.40 0.55
CA GLU A 710 4.31 -26.22 0.73
C GLU A 710 5.14 -24.95 0.62
N TRP A 711 6.34 -24.93 1.20
CA TRP A 711 7.23 -23.77 1.05
C TRP A 711 7.43 -23.43 -0.41
N ARG A 712 7.70 -24.44 -1.23
CA ARG A 712 7.96 -24.20 -2.65
C ARG A 712 6.69 -23.78 -3.37
N GLU A 713 5.55 -24.35 -3.01
CA GLU A 713 4.31 -23.99 -3.68
C GLU A 713 3.88 -22.58 -3.33
N LEU A 714 4.00 -22.20 -2.05
CA LEU A 714 3.67 -20.84 -1.64
C LEU A 714 4.51 -19.82 -2.40
N ASN A 715 5.82 -19.96 -2.38
CA ASN A 715 6.68 -18.99 -3.03
C ASN A 715 6.46 -18.97 -4.55
N THR A 716 6.16 -20.12 -5.14
CA THR A 716 5.86 -20.15 -6.57
C THR A 716 4.58 -19.40 -6.88
N ARG A 717 3.50 -19.69 -6.14
CA ARG A 717 2.25 -18.96 -6.35
C ARG A 717 2.43 -17.46 -6.11
N TRP A 718 3.19 -17.11 -5.08
CA TRP A 718 3.42 -15.70 -4.76
C TRP A 718 4.31 -15.02 -5.80
N PHE A 719 5.21 -15.79 -6.43
CA PHE A 719 6.07 -15.24 -7.48
C PHE A 719 5.27 -14.91 -8.72
N GLN A 720 4.36 -15.81 -9.13
CA GLN A 720 3.46 -15.53 -10.24
C GLN A 720 2.70 -14.23 -10.00
N PHE A 721 2.20 -14.05 -8.77
CA PHE A 721 1.48 -12.85 -8.38
C PHE A 721 2.38 -11.63 -8.48
N GLY A 722 3.58 -11.71 -7.91
CA GLY A 722 4.46 -10.55 -7.88
C GLY A 722 4.91 -10.09 -9.27
N ALA A 723 4.96 -11.01 -10.23
CA ALA A 723 5.30 -10.60 -11.60
C ALA A 723 4.24 -9.68 -12.20
N PHE A 724 3.06 -9.58 -11.59
CA PHE A 724 1.96 -8.77 -12.10
C PHE A 724 1.50 -7.73 -11.08
N VAL A 725 2.44 -7.15 -10.33
CA VAL A 725 2.16 -5.96 -9.53
C VAL A 725 3.11 -4.86 -9.98
N PRO A 726 2.90 -3.58 -9.60
CA PRO A 726 3.69 -2.50 -10.21
C PRO A 726 5.20 -2.70 -10.17
N ILE A 727 5.74 -3.10 -9.02
CA ILE A 727 7.16 -3.36 -8.88
C ILE A 727 7.37 -4.81 -8.47
N PHE A 728 8.29 -5.49 -9.15
CA PHE A 728 8.47 -6.93 -9.15
C PHE A 728 9.71 -7.26 -8.31
N ARG A 729 9.51 -7.80 -7.09
CA ARG A 729 10.58 -7.83 -6.10
C ARG A 729 10.52 -9.05 -5.18
N SER A 730 11.66 -9.74 -5.05
CA SER A 730 11.81 -10.90 -4.19
C SER A 730 12.61 -10.52 -2.95
N HIS A 731 12.12 -10.88 -1.76
CA HIS A 731 12.79 -10.50 -0.52
C HIS A 731 12.26 -11.34 0.63
N GLY A 732 13.06 -11.47 1.68
CA GLY A 732 12.60 -12.12 2.88
C GLY A 732 13.73 -12.70 3.69
N GLN A 733 13.37 -13.13 4.90
CA GLN A 733 14.30 -13.78 5.81
C GLN A 733 14.54 -15.23 5.38
N PHE A 734 15.56 -15.85 5.99
CA PHE A 734 15.97 -17.20 5.63
C PHE A 734 14.78 -18.14 5.68
N PRO A 735 14.63 -19.06 4.68
CA PRO A 735 15.53 -19.47 3.60
C PRO A 735 15.81 -18.43 2.52
N TYR A 736 16.88 -18.62 1.74
CA TYR A 736 17.17 -17.71 0.64
C TYR A 736 16.07 -17.78 -0.40
N ARG A 737 15.90 -16.66 -1.12
CA ARG A 737 14.73 -16.49 -1.98
C ARG A 737 15.05 -16.44 -3.47
N GLU A 738 16.33 -16.51 -3.86
CA GLU A 738 16.64 -16.56 -5.29
C GLU A 738 16.00 -17.80 -5.90
N ILE A 739 15.72 -17.71 -7.21
CA ILE A 739 14.90 -18.72 -7.88
C ILE A 739 15.47 -20.12 -7.65
N TRP A 740 16.77 -20.30 -7.89
CA TRP A 740 17.37 -21.62 -7.73
C TRP A 740 17.45 -22.06 -6.27
N ASN A 741 17.37 -21.14 -5.32
CA ASN A 741 17.35 -21.50 -3.90
C ASN A 741 15.95 -21.83 -3.40
N ILE A 742 14.91 -21.33 -4.08
CA ILE A 742 13.57 -21.80 -3.78
C ILE A 742 13.44 -23.28 -4.15
N ALA A 743 13.81 -23.62 -5.38
CA ALA A 743 13.73 -25.00 -5.83
C ALA A 743 14.72 -25.18 -6.98
N PRO A 744 15.33 -26.35 -7.12
CA PRO A 744 16.34 -26.54 -8.16
C PRO A 744 15.71 -26.65 -9.55
N GLU A 745 16.54 -26.40 -10.55
CA GLU A 745 16.11 -26.60 -11.94
C GLU A 745 15.74 -28.06 -12.15
N GLY A 746 14.67 -28.29 -12.91
CA GLY A 746 14.08 -29.59 -13.08
C GLY A 746 12.76 -29.77 -12.35
N THR A 747 12.48 -28.92 -11.34
CA THR A 747 11.21 -28.91 -10.64
C THR A 747 10.20 -27.99 -11.35
N PRO A 748 8.90 -28.24 -11.20
CA PRO A 748 7.92 -27.31 -11.79
C PRO A 748 7.96 -25.93 -11.18
N PHE A 749 8.48 -25.80 -9.96
CA PHE A 749 8.60 -24.49 -9.33
C PHE A 749 9.62 -23.63 -10.06
N TYR A 750 10.80 -24.21 -10.37
CA TYR A 750 11.81 -23.47 -11.12
C TYR A 750 11.30 -23.13 -12.52
N GLU A 751 10.65 -24.08 -13.18
CA GLU A 751 10.10 -23.83 -14.52
C GLU A 751 9.15 -22.63 -14.49
N SER A 752 8.27 -22.59 -13.49
CA SER A 752 7.30 -21.51 -13.39
C SER A 752 7.98 -20.17 -13.12
N MET A 753 8.82 -20.11 -12.09
CA MET A 753 9.46 -18.84 -11.74
C MET A 753 10.29 -18.31 -12.90
N ALA A 754 11.02 -19.19 -13.58
CA ALA A 754 11.79 -18.79 -14.75
C ALA A 754 10.88 -18.22 -15.83
N TYR A 755 9.72 -18.85 -16.05
CA TYR A 755 8.82 -18.38 -17.09
C TYR A 755 8.31 -16.98 -16.80
N TYR A 756 7.81 -16.76 -15.58
CA TYR A 756 7.25 -15.45 -15.25
C TYR A 756 8.34 -14.40 -15.10
N ASN A 757 9.53 -14.81 -14.66
CA ASN A 757 10.67 -13.89 -14.61
C ASN A 757 10.97 -13.33 -16.00
N ARG A 758 10.98 -14.19 -17.02
CA ARG A 758 11.26 -13.76 -18.38
C ARG A 758 10.06 -13.12 -19.05
N LEU A 759 8.84 -13.57 -18.72
CA LEU A 759 7.64 -12.94 -19.29
C LEU A 759 7.56 -11.46 -18.92
N ARG A 760 7.93 -11.12 -17.67
CA ARG A 760 7.96 -9.73 -17.25
C ARG A 760 8.81 -8.88 -18.19
N SER A 761 9.99 -9.37 -18.58
CA SER A 761 10.86 -8.58 -19.43
C SER A 761 10.28 -8.42 -20.84
N ALA A 762 9.54 -9.41 -21.32
CA ALA A 762 8.88 -9.28 -22.62
C ALA A 762 7.73 -8.29 -22.57
N LEU A 763 7.06 -8.17 -21.41
CA LEU A 763 5.95 -7.23 -21.27
C LEU A 763 6.40 -5.82 -20.91
N LEU A 764 7.71 -5.57 -20.78
CA LEU A 764 8.18 -4.26 -20.35
C LEU A 764 7.65 -3.09 -21.17
N PRO A 765 7.58 -3.14 -22.51
CA PRO A 765 6.98 -1.99 -23.24
C PRO A 765 5.57 -1.65 -22.77
N TYR A 766 4.74 -2.67 -22.53
CA TYR A 766 3.41 -2.45 -21.97
C TYR A 766 3.50 -1.83 -20.57
N ILE A 767 4.28 -2.45 -19.69
CA ILE A 767 4.36 -1.99 -18.31
C ILE A 767 4.88 -0.57 -18.25
N TYR A 768 5.97 -0.28 -18.96
CA TYR A 768 6.56 1.04 -18.87
C TYR A 768 5.66 2.11 -19.48
N SER A 769 4.86 1.74 -20.48
CA SER A 769 3.88 2.69 -21.02
C SER A 769 2.90 3.12 -19.94
N LEU A 770 2.44 2.17 -19.12
CA LEU A 770 1.61 2.50 -17.98
C LEU A 770 2.35 3.39 -16.99
N ALA A 771 3.64 3.11 -16.78
CA ALA A 771 4.44 3.94 -15.87
C ALA A 771 4.47 5.39 -16.35
N GLY A 772 4.68 5.60 -17.65
CA GLY A 772 4.71 6.95 -18.17
C GLY A 772 3.41 7.69 -17.92
N ASP A 773 2.29 6.96 -17.95
CA ASP A 773 0.98 7.57 -17.75
C ASP A 773 0.62 7.75 -16.29
N THR A 774 1.37 7.17 -15.34
CA THR A 774 1.19 7.59 -13.96
C THR A 774 1.50 9.07 -13.81
N TYR A 775 2.45 9.58 -14.59
CA TYR A 775 2.74 11.00 -14.65
C TYR A 775 1.87 11.72 -15.70
N GLN A 776 1.88 11.23 -16.94
CA GLN A 776 1.26 11.97 -18.04
C GLN A 776 -0.24 12.10 -17.87
N ARG A 777 -0.91 11.05 -17.39
CA ARG A 777 -2.35 11.05 -17.26
C ARG A 777 -2.79 10.84 -15.82
N ASP A 778 -1.89 11.04 -14.87
CA ASP A 778 -2.20 10.87 -13.44
C ASP A 778 -2.87 9.52 -13.19
N GLY A 779 -2.31 8.47 -13.77
CA GLY A 779 -2.93 7.15 -13.76
C GLY A 779 -2.34 6.20 -12.72
N VAL A 780 -2.87 4.98 -12.73
CA VAL A 780 -2.40 3.92 -11.84
C VAL A 780 -1.87 2.79 -12.70
N ILE A 781 -1.33 1.76 -12.06
CA ILE A 781 -0.88 0.55 -12.72
C ILE A 781 -1.72 -0.65 -12.32
N MET A 782 -1.86 -0.89 -11.02
CA MET A 782 -2.71 -1.95 -10.50
C MET A 782 -4.14 -1.45 -10.38
N ARG A 783 -5.06 -2.06 -11.12
CA ARG A 783 -6.41 -1.53 -11.27
C ARG A 783 -7.42 -2.48 -10.63
N GLY A 784 -8.22 -1.97 -9.69
CA GLY A 784 -9.37 -2.73 -9.24
C GLY A 784 -10.33 -2.95 -10.39
N MET A 785 -11.01 -4.11 -10.35
CA MET A 785 -11.94 -4.46 -11.43
C MET A 785 -13.09 -3.46 -11.54
N MET A 786 -13.39 -2.72 -10.47
CA MET A 786 -14.47 -1.75 -10.54
C MET A 786 -14.07 -0.49 -11.30
N MET A 787 -12.76 -0.26 -11.52
CA MET A 787 -12.34 0.92 -12.27
C MET A 787 -12.81 0.84 -13.72
N ASP A 788 -12.68 -0.33 -14.35
CA ASP A 788 -13.06 -0.50 -15.73
C ASP A 788 -14.47 -1.08 -15.91
N PHE A 789 -15.05 -1.64 -14.85
CA PHE A 789 -16.40 -2.20 -14.91
C PHE A 789 -17.25 -1.64 -13.78
N PRO A 790 -17.48 -0.32 -13.76
CA PRO A 790 -18.17 0.31 -12.62
C PRO A 790 -19.65 -0.02 -12.55
N ASN A 791 -20.22 -0.61 -13.59
CA ASN A 791 -21.64 -0.97 -13.61
C ASN A 791 -21.87 -2.46 -13.32
N ASP A 792 -20.83 -3.20 -12.93
CA ASP A 792 -20.99 -4.61 -12.60
C ASP A 792 -20.95 -4.77 -11.09
N PRO A 793 -22.07 -5.10 -10.44
CA PRO A 793 -22.07 -5.17 -8.97
C PRO A 793 -21.25 -6.33 -8.42
N LYS A 794 -20.99 -7.36 -9.23
CA LYS A 794 -20.30 -8.54 -8.71
C LYS A 794 -18.82 -8.29 -8.49
N VAL A 795 -18.23 -7.27 -9.11
CA VAL A 795 -16.81 -6.99 -8.95
C VAL A 795 -16.52 -6.02 -7.80
N ARG A 796 -17.54 -5.51 -7.11
CA ARG A 796 -17.30 -4.52 -6.07
C ARG A 796 -16.64 -5.11 -4.84
N ASP A 797 -16.91 -6.39 -4.53
CA ASP A 797 -16.47 -7.00 -3.27
C ASP A 797 -15.45 -8.12 -3.44
N ILE A 798 -15.22 -8.60 -4.65
CA ILE A 798 -14.23 -9.66 -4.89
C ILE A 798 -12.87 -9.20 -4.41
N ASN A 799 -12.22 -10.02 -3.58
CA ASN A 799 -10.97 -9.58 -2.96
C ASN A 799 -9.75 -10.35 -3.45
N ASP A 800 -9.89 -11.19 -4.48
CA ASP A 800 -8.72 -11.94 -4.96
C ASP A 800 -8.59 -11.91 -6.48
N GLN A 801 -9.01 -10.82 -7.12
CA GLN A 801 -8.80 -10.56 -8.55
C GLN A 801 -8.52 -9.08 -8.75
N TYR A 802 -7.83 -8.75 -9.84
CA TYR A 802 -7.55 -7.37 -10.18
C TYR A 802 -7.09 -7.31 -11.64
N LEU A 803 -6.83 -6.09 -12.10
CA LEU A 803 -6.35 -5.86 -13.46
C LEU A 803 -4.95 -5.26 -13.39
N PHE A 804 -4.03 -5.84 -14.14
CA PHE A 804 -2.67 -5.32 -14.29
C PHE A 804 -2.66 -4.49 -15.57
N GLY A 805 -2.85 -3.18 -15.42
CA GLY A 805 -3.14 -2.34 -16.56
C GLY A 805 -4.50 -2.68 -17.13
N PRO A 806 -4.83 -2.09 -18.29
CA PRO A 806 -6.18 -2.29 -18.85
C PRO A 806 -6.41 -3.67 -19.48
N ALA A 807 -5.36 -4.44 -19.75
CA ALA A 807 -5.49 -5.65 -20.55
C ALA A 807 -5.62 -6.94 -19.73
N PHE A 808 -4.91 -7.05 -18.61
CA PHE A 808 -4.71 -8.33 -17.94
C PHE A 808 -5.58 -8.46 -16.70
N LEU A 809 -6.49 -9.42 -16.70
CA LEU A 809 -7.21 -9.84 -15.50
C LEU A 809 -6.37 -10.90 -14.80
N VAL A 810 -6.03 -10.65 -13.53
CA VAL A 810 -5.13 -11.50 -12.76
C VAL A 810 -5.91 -12.12 -11.60
N ALA A 811 -5.79 -13.44 -11.44
CA ALA A 811 -6.47 -14.16 -10.35
C ALA A 811 -5.48 -15.11 -9.70
N PRO A 812 -4.69 -14.61 -8.74
CA PRO A 812 -3.66 -15.46 -8.11
C PRO A 812 -4.28 -16.64 -7.35
N VAL A 813 -3.53 -17.73 -7.27
CA VAL A 813 -3.95 -18.92 -6.55
C VAL A 813 -3.39 -18.88 -5.14
N THR A 814 -4.28 -18.94 -4.14
CA THR A 814 -3.86 -18.78 -2.74
C THR A 814 -4.26 -19.97 -1.87
N ARG A 815 -4.30 -21.18 -2.43
CA ARG A 815 -4.57 -22.38 -1.67
C ARG A 815 -3.54 -23.45 -2.02
N PHE A 816 -2.99 -24.09 -0.99
CA PHE A 816 -2.00 -25.15 -1.16
C PHE A 816 -2.67 -26.38 -1.75
N GLY A 817 -2.10 -26.90 -2.85
CA GLY A 817 -2.65 -28.05 -3.52
C GLY A 817 -3.74 -27.77 -4.53
N ALA A 818 -4.09 -26.50 -4.76
CA ALA A 818 -5.09 -26.18 -5.76
C ALA A 818 -4.49 -26.31 -7.15
N THR A 819 -5.25 -26.93 -8.06
CA THR A 819 -4.86 -26.99 -9.46
C THR A 819 -5.84 -26.24 -10.35
N SER A 820 -6.70 -25.41 -9.76
CA SER A 820 -7.68 -24.58 -10.45
C SER A 820 -8.32 -23.67 -9.40
N ARG A 821 -9.05 -22.67 -9.88
CA ARG A 821 -9.79 -21.82 -8.96
C ARG A 821 -10.93 -21.13 -9.69
N GLN A 822 -11.96 -20.77 -8.93
CA GLN A 822 -13.04 -19.95 -9.47
C GLN A 822 -12.52 -18.56 -9.84
N VAL A 823 -12.93 -18.07 -11.00
CA VAL A 823 -12.60 -16.74 -11.49
C VAL A 823 -13.86 -16.13 -12.07
N TYR A 824 -14.23 -14.95 -11.59
CA TYR A 824 -15.37 -14.24 -12.17
C TYR A 824 -14.89 -13.30 -13.27
N LEU A 825 -15.47 -13.46 -14.46
CA LEU A 825 -15.13 -12.60 -15.59
C LEU A 825 -16.15 -11.48 -15.70
N PRO A 826 -15.74 -10.21 -15.67
CA PRO A 826 -16.71 -9.10 -15.67
C PRO A 826 -17.57 -9.07 -16.92
N ALA A 827 -18.79 -8.57 -16.77
CA ALA A 827 -19.75 -8.52 -17.86
C ALA A 827 -19.43 -7.38 -18.83
N GLY A 828 -19.84 -7.55 -20.07
CA GLY A 828 -19.72 -6.54 -21.09
C GLY A 828 -18.54 -6.70 -22.02
N SER A 829 -17.66 -7.66 -21.76
CA SER A 829 -16.53 -7.94 -22.62
C SER A 829 -16.31 -9.43 -22.66
N SER A 830 -15.76 -9.92 -23.77
CA SER A 830 -15.26 -11.28 -23.79
C SER A 830 -13.81 -11.29 -23.34
N TRP A 831 -13.32 -12.47 -23.00
CA TRP A 831 -12.00 -12.61 -22.40
C TRP A 831 -11.26 -13.77 -23.05
N LEU A 832 -9.96 -13.59 -23.23
CA LEU A 832 -9.08 -14.59 -23.83
C LEU A 832 -8.13 -15.10 -22.78
N GLU A 833 -8.14 -16.42 -22.56
CA GLU A 833 -7.19 -17.05 -21.65
C GLU A 833 -5.78 -16.89 -22.20
N PHE A 834 -4.89 -16.31 -21.39
CA PHE A 834 -3.58 -15.95 -21.90
C PHE A 834 -2.78 -17.17 -22.35
N ALA A 835 -2.95 -18.30 -21.66
CA ALA A 835 -2.13 -19.47 -21.91
C ALA A 835 -2.67 -20.38 -23.02
N THR A 836 -3.90 -20.16 -23.49
CA THR A 836 -4.49 -21.05 -24.48
C THR A 836 -5.09 -20.31 -25.67
N GLY A 837 -5.57 -19.10 -25.44
CA GLY A 837 -6.36 -18.40 -26.43
C GLY A 837 -7.84 -18.73 -26.40
N LYS A 838 -8.28 -19.63 -25.52
CA LYS A 838 -9.70 -19.94 -25.40
C LYS A 838 -10.48 -18.68 -25.03
N ARG A 839 -11.61 -18.49 -25.71
CA ARG A 839 -12.43 -17.29 -25.51
C ARG A 839 -13.58 -17.59 -24.54
N TYR A 840 -13.76 -16.71 -23.57
CA TYR A 840 -14.84 -16.80 -22.60
C TYR A 840 -15.64 -15.51 -22.63
N GLU A 841 -16.97 -15.65 -22.66
CA GLU A 841 -17.80 -14.46 -22.61
C GLU A 841 -17.85 -13.93 -21.19
N GLY A 842 -18.10 -12.63 -21.06
CA GLY A 842 -18.11 -12.00 -19.75
C GLY A 842 -19.36 -12.30 -18.96
N GLY A 843 -19.32 -11.92 -17.68
CA GLY A 843 -20.47 -12.09 -16.81
C GLY A 843 -20.70 -13.51 -16.35
N GLN A 844 -19.63 -14.24 -16.02
CA GLN A 844 -19.75 -15.61 -15.58
C GLN A 844 -18.57 -15.94 -14.67
N SER A 845 -18.77 -16.93 -13.80
CA SER A 845 -17.69 -17.52 -13.04
C SER A 845 -17.35 -18.88 -13.65
N ILE A 846 -16.04 -19.16 -13.74
CA ILE A 846 -15.54 -20.40 -14.33
C ILE A 846 -14.52 -21.02 -13.39
N GLU A 847 -14.30 -22.32 -13.58
CA GLU A 847 -13.22 -23.02 -12.89
C GLU A 847 -12.00 -22.95 -13.80
N ALA A 848 -11.19 -21.91 -13.61
CA ALA A 848 -10.05 -21.67 -14.48
C ALA A 848 -8.89 -22.61 -14.12
N ALA A 849 -8.29 -23.21 -15.14
CA ALA A 849 -7.17 -24.12 -14.91
C ALA A 849 -5.98 -23.36 -14.34
N ALA A 850 -5.36 -23.93 -13.31
CA ALA A 850 -4.21 -23.33 -12.66
C ALA A 850 -3.28 -24.42 -12.13
N PRO A 851 -2.59 -25.12 -13.02
CA PRO A 851 -1.52 -26.01 -12.56
C PRO A 851 -0.49 -25.23 -11.76
N ILE A 852 0.30 -25.96 -10.97
CA ILE A 852 1.27 -25.34 -10.08
C ILE A 852 2.11 -24.30 -10.83
N GLU A 853 2.41 -24.56 -12.10
CA GLU A 853 3.34 -23.71 -12.83
C GLU A 853 2.69 -22.51 -13.50
N ARG A 854 1.36 -22.38 -13.48
CA ARG A 854 0.70 -21.26 -14.13
C ARG A 854 -0.44 -20.74 -13.27
N MET A 855 -0.57 -19.42 -13.23
CA MET A 855 -1.57 -18.57 -12.58
C MET A 855 -2.65 -18.17 -13.58
N PRO A 856 -3.93 -18.25 -13.20
CA PRO A 856 -4.99 -17.79 -14.11
C PRO A 856 -4.79 -16.35 -14.55
N LEU A 857 -4.80 -16.15 -15.87
CA LEU A 857 -4.56 -14.86 -16.49
C LEU A 857 -5.43 -14.76 -17.73
N PHE A 858 -6.22 -13.69 -17.82
CA PHE A 858 -7.14 -13.50 -18.95
C PHE A 858 -6.96 -12.10 -19.52
N VAL A 859 -7.12 -11.97 -20.83
CA VAL A 859 -6.91 -10.72 -21.54
C VAL A 859 -8.24 -10.21 -22.08
N ARG A 860 -8.53 -8.94 -21.83
CA ARG A 860 -9.79 -8.36 -22.24
C ARG A 860 -9.82 -8.18 -23.75
N ALA A 861 -10.92 -8.58 -24.37
CA ALA A 861 -11.06 -8.42 -25.82
C ALA A 861 -10.87 -6.97 -26.22
N GLY A 862 -10.12 -6.75 -27.29
CA GLY A 862 -9.78 -5.41 -27.73
C GLY A 862 -8.49 -4.87 -27.15
N SER A 863 -7.76 -5.67 -26.37
CA SER A 863 -6.53 -5.21 -25.77
C SER A 863 -5.40 -5.19 -26.80
N ILE A 864 -4.65 -4.09 -26.81
CA ILE A 864 -3.43 -3.97 -27.59
C ILE A 864 -2.28 -3.95 -26.59
N VAL A 865 -1.37 -4.92 -26.71
CA VAL A 865 -0.31 -5.13 -25.73
C VAL A 865 1.04 -5.06 -26.45
N PRO A 866 1.76 -3.93 -26.33
CA PRO A 866 3.11 -3.86 -26.90
C PRO A 866 4.08 -4.70 -26.08
N THR A 867 4.87 -5.52 -26.77
CA THR A 867 5.80 -6.43 -26.12
C THR A 867 7.15 -6.37 -26.83
N GLY A 868 8.16 -6.97 -26.20
CA GLY A 868 9.47 -7.08 -26.78
C GLY A 868 10.04 -8.48 -26.60
N PRO A 869 11.28 -8.67 -27.03
CA PRO A 869 11.95 -9.95 -26.78
C PRO A 869 12.27 -10.09 -25.30
N VAL A 870 12.41 -11.35 -24.86
CA VAL A 870 12.90 -11.62 -23.51
C VAL A 870 14.28 -10.99 -23.35
N GLN A 871 14.47 -10.24 -22.27
CA GLN A 871 15.70 -9.53 -22.00
C GLN A 871 16.24 -9.92 -20.63
N GLU A 872 17.56 -10.15 -20.56
CA GLU A 872 18.18 -10.40 -19.26
C GLU A 872 18.26 -9.15 -18.40
N TYR A 873 18.16 -7.97 -19.03
CA TYR A 873 18.07 -6.70 -18.32
C TYR A 873 17.57 -5.64 -19.30
N VAL A 874 17.16 -4.49 -18.76
CA VAL A 874 16.56 -3.44 -19.57
C VAL A 874 17.53 -3.00 -20.65
N ASP A 875 17.04 -2.92 -21.88
CA ASP A 875 17.81 -2.43 -23.03
C ASP A 875 19.03 -3.31 -23.31
N GLN A 876 18.96 -4.60 -22.97
CA GLN A 876 20.06 -5.50 -23.30
C GLN A 876 20.28 -5.57 -24.81
N VAL A 877 19.26 -5.99 -25.54
CA VAL A 877 19.28 -5.90 -26.99
C VAL A 877 18.99 -4.45 -27.37
N ALA A 878 19.96 -3.81 -28.02
CA ALA A 878 19.75 -2.46 -28.52
C ALA A 878 18.92 -2.52 -29.80
N ASP A 879 18.03 -1.54 -29.96
CA ASP A 879 17.14 -1.46 -31.11
C ASP A 879 16.34 -2.75 -31.26
N ALA A 880 15.74 -3.20 -30.16
CA ALA A 880 14.95 -4.42 -30.19
C ALA A 880 13.69 -4.20 -31.02
N PRO A 881 13.24 -5.21 -31.75
CA PRO A 881 11.95 -5.10 -32.43
C PRO A 881 10.80 -5.06 -31.44
N LEU A 882 9.77 -4.32 -31.81
CA LEU A 882 8.55 -4.21 -31.01
C LEU A 882 7.50 -5.16 -31.58
N THR A 883 6.93 -6.00 -30.73
CA THR A 883 5.84 -6.90 -31.13
C THR A 883 4.53 -6.41 -30.51
N VAL A 884 3.61 -5.97 -31.36
CA VAL A 884 2.28 -5.53 -30.92
C VAL A 884 1.34 -6.73 -31.01
N VAL A 885 0.77 -7.12 -29.88
CA VAL A 885 -0.12 -8.26 -29.81
C VAL A 885 -1.55 -7.73 -29.65
N VAL A 886 -2.43 -8.11 -30.57
CA VAL A 886 -3.82 -7.70 -30.55
C VAL A 886 -4.67 -8.89 -30.12
N TYR A 887 -5.44 -8.71 -29.05
CA TYR A 887 -6.41 -9.71 -28.60
C TYR A 887 -7.78 -9.24 -29.08
N THR A 888 -8.28 -9.88 -30.14
CA THR A 888 -9.43 -9.37 -30.87
C THR A 888 -10.72 -9.65 -30.11
N GLY A 889 -11.81 -9.06 -30.63
CA GLY A 889 -13.13 -9.31 -30.08
C GLY A 889 -13.94 -8.04 -29.91
N ALA A 890 -13.26 -6.90 -29.97
CA ALA A 890 -13.90 -5.59 -29.84
C ALA A 890 -12.89 -4.53 -30.28
N ASP A 891 -13.39 -3.31 -30.47
CA ASP A 891 -12.51 -2.18 -30.73
C ASP A 891 -11.59 -1.93 -29.54
N GLY A 892 -10.41 -1.38 -29.81
CA GLY A 892 -9.47 -1.05 -28.76
C GLY A 892 -8.46 -0.03 -29.21
N GLN A 893 -7.74 0.53 -28.24
CA GLN A 893 -6.70 1.51 -28.54
C GLN A 893 -5.69 1.54 -27.40
N PHE A 894 -4.45 1.90 -27.75
CA PHE A 894 -3.36 1.98 -26.79
C PHE A 894 -2.35 2.98 -27.32
N SER A 895 -2.17 4.09 -26.61
CA SER A 895 -1.15 5.08 -26.95
C SER A 895 0.16 4.69 -26.26
N LEU A 896 1.12 4.22 -27.04
CA LEU A 896 2.37 3.66 -26.50
C LEU A 896 3.32 4.79 -26.12
N TYR A 897 3.64 4.90 -24.83
CA TYR A 897 4.53 5.93 -24.32
C TYR A 897 5.96 5.39 -24.25
N GLU A 898 6.92 6.22 -24.67
CA GLU A 898 8.33 5.86 -24.59
C GLU A 898 9.15 7.11 -24.31
N ASP A 899 10.26 6.93 -23.58
CA ASP A 899 11.20 8.01 -23.32
C ASP A 899 12.56 7.38 -23.01
N ASP A 900 13.51 8.20 -22.55
CA ASP A 900 14.85 7.65 -22.35
C ASP A 900 14.96 6.84 -21.06
N GLY A 901 13.98 6.94 -20.16
CA GLY A 901 13.91 6.11 -18.98
C GLY A 901 14.97 6.35 -17.94
N LYS A 902 15.72 7.45 -18.04
CA LYS A 902 16.91 7.68 -17.22
C LYS A 902 16.97 9.05 -16.58
N GLY A 903 16.59 10.10 -17.30
CA GLY A 903 16.65 11.45 -16.79
C GLY A 903 15.29 12.10 -16.66
N TYR A 904 15.26 13.39 -16.35
CA TYR A 904 14.02 14.14 -16.21
C TYR A 904 13.67 14.92 -17.46
N GLY A 905 14.15 14.48 -18.64
CA GLY A 905 13.81 15.16 -19.87
C GLY A 905 12.33 15.12 -20.19
N TYR A 906 11.61 14.11 -19.69
CA TYR A 906 10.16 14.05 -19.90
C TYR A 906 9.47 15.31 -19.38
N GLU A 907 10.04 15.94 -18.34
CA GLU A 907 9.43 17.16 -17.81
C GLU A 907 9.41 18.28 -18.85
N LYS A 908 10.36 18.28 -19.79
CA LYS A 908 10.41 19.26 -20.86
C LYS A 908 9.83 18.73 -22.17
N GLY A 909 9.08 17.63 -22.11
CA GLY A 909 8.46 17.08 -23.30
C GLY A 909 9.29 16.08 -24.07
N GLU A 910 10.39 15.58 -23.51
CA GLU A 910 11.22 14.58 -24.19
C GLU A 910 10.62 13.21 -23.95
N PHE A 911 9.58 12.92 -24.73
CA PHE A 911 8.95 11.61 -24.73
C PHE A 911 8.18 11.47 -26.04
N SER A 912 7.93 10.23 -26.44
CA SER A 912 7.16 9.96 -27.65
C SER A 912 5.89 9.18 -27.34
N ARG A 913 4.89 9.35 -28.20
CA ARG A 913 3.65 8.59 -28.12
C ARG A 913 3.30 8.09 -29.51
N ILE A 914 3.07 6.79 -29.65
CA ILE A 914 2.68 6.17 -30.91
C ILE A 914 1.26 5.64 -30.75
N PRO A 915 0.27 6.20 -31.44
CA PRO A 915 -1.11 5.70 -31.30
C PRO A 915 -1.26 4.33 -31.96
N LEU A 916 -1.88 3.41 -31.21
CA LEU A 916 -2.29 2.12 -31.75
C LEU A 916 -3.80 2.03 -31.63
N VAL A 917 -4.47 1.75 -32.74
CA VAL A 917 -5.93 1.68 -32.77
C VAL A 917 -6.34 0.41 -33.51
N TRP A 918 -7.17 -0.40 -32.87
CA TRP A 918 -7.70 -1.62 -33.45
C TRP A 918 -9.18 -1.45 -33.77
N ASN A 919 -9.55 -1.74 -35.02
CA ASN A 919 -10.95 -1.71 -35.46
C ASN A 919 -11.39 -3.14 -35.73
N GLN A 920 -12.32 -3.63 -34.91
CA GLN A 920 -12.72 -5.03 -34.96
C GLN A 920 -13.43 -5.36 -36.28
N ALA A 921 -14.38 -4.50 -36.69
CA ALA A 921 -15.14 -4.77 -37.91
C ALA A 921 -14.21 -4.89 -39.12
N LYS A 922 -13.30 -3.92 -39.28
CA LYS A 922 -12.38 -3.95 -40.41
C LYS A 922 -11.21 -4.91 -40.22
N GLY A 923 -10.98 -5.40 -39.01
CA GLY A 923 -9.81 -6.24 -38.76
C GLY A 923 -8.51 -5.53 -39.05
N GLU A 924 -8.43 -4.25 -38.71
CA GLU A 924 -7.33 -3.39 -39.12
C GLU A 924 -6.71 -2.76 -37.87
N LEU A 925 -5.41 -2.93 -37.70
CA LEU A 925 -4.64 -2.24 -36.68
C LEU A 925 -3.99 -1.01 -37.31
N SER A 926 -4.34 0.17 -36.82
CA SER A 926 -3.79 1.41 -37.33
C SER A 926 -2.69 1.91 -36.40
N ILE A 927 -1.50 2.08 -36.93
CA ILE A 927 -0.37 2.64 -36.19
C ILE A 927 -0.23 4.08 -36.64
N GLY A 928 -0.58 5.01 -35.74
CA GLY A 928 -0.71 6.41 -36.10
C GLY A 928 0.61 7.13 -36.20
N LYS A 929 0.51 8.44 -36.37
CA LYS A 929 1.70 9.29 -36.53
C LYS A 929 2.38 9.49 -35.18
N ARG A 930 3.70 9.35 -35.18
CA ARG A 930 4.46 9.54 -33.94
C ARG A 930 4.52 11.02 -33.58
N GLU A 931 4.47 11.31 -32.28
CA GLU A 931 4.59 12.66 -31.76
C GLU A 931 5.61 12.67 -30.63
N GLY A 932 6.60 13.55 -30.73
CA GLY A 932 7.60 13.70 -29.71
C GLY A 932 8.88 12.95 -30.02
N SER A 933 9.96 13.35 -29.35
CA SER A 933 11.25 12.70 -29.54
C SER A 933 12.04 12.78 -28.23
N TRP A 934 13.07 11.94 -28.14
CA TRP A 934 13.88 11.88 -26.94
C TRP A 934 15.23 11.25 -27.29
N THR A 935 16.17 11.40 -26.36
CA THR A 935 17.56 11.01 -26.57
C THR A 935 17.66 9.49 -26.71
N GLY A 936 17.98 9.02 -27.91
CA GLY A 936 18.10 7.60 -28.17
C GLY A 936 16.88 6.97 -28.80
N MET A 937 15.86 7.75 -29.14
CA MET A 937 14.69 7.20 -29.78
C MET A 937 15.07 6.51 -31.09
N GLN A 938 14.36 5.42 -31.41
CA GLN A 938 14.50 4.75 -32.69
C GLN A 938 13.64 5.50 -33.71
N ALA A 939 14.27 6.30 -34.57
CA ALA A 939 13.53 6.98 -35.62
C ALA A 939 12.89 5.99 -36.59
N LYS A 940 13.65 4.97 -36.97
CA LYS A 940 13.18 3.89 -37.83
C LYS A 940 13.31 2.58 -37.06
N ARG A 941 12.26 1.76 -37.10
CA ARG A 941 12.25 0.58 -36.25
C ARG A 941 11.36 -0.50 -36.87
N THR A 942 11.61 -1.74 -36.44
CA THR A 942 10.81 -2.89 -36.85
C THR A 942 9.64 -3.07 -35.90
N ILE A 943 8.44 -3.24 -36.44
CA ILE A 943 7.25 -3.49 -35.64
C ILE A 943 6.60 -4.77 -36.15
N ASN A 944 6.58 -5.79 -35.31
CA ASN A 944 5.86 -7.02 -35.61
C ASN A 944 4.46 -6.95 -35.01
N VAL A 945 3.53 -7.68 -35.62
CA VAL A 945 2.14 -7.71 -35.17
C VAL A 945 1.73 -9.17 -35.00
N ARG A 946 0.94 -9.43 -33.96
CA ARG A 946 0.45 -10.78 -33.68
C ARG A 946 -1.02 -10.67 -33.29
N PHE A 947 -1.85 -11.50 -33.90
CA PHE A 947 -3.30 -11.49 -33.66
C PHE A 947 -3.69 -12.75 -32.88
N VAL A 948 -4.32 -12.54 -31.73
CA VAL A 948 -4.88 -13.64 -30.94
C VAL A 948 -6.39 -13.47 -30.96
N ASP A 949 -7.08 -14.36 -31.69
CA ASP A 949 -8.53 -14.27 -31.83
C ASP A 949 -9.24 -15.52 -31.37
N GLY A 950 -8.53 -16.43 -30.70
CA GLY A 950 -9.05 -17.70 -30.29
C GLY A 950 -7.91 -18.65 -29.96
N PRO A 951 -8.21 -19.92 -29.75
CA PRO A 951 -7.18 -20.89 -29.39
C PRO A 951 -6.03 -20.91 -30.39
N ARG A 952 -4.81 -20.85 -29.87
CA ARG A 952 -3.60 -20.86 -30.66
C ARG A 952 -2.54 -21.67 -29.93
N ASP A 953 -1.80 -22.49 -30.68
CA ASP A 953 -0.88 -23.43 -30.06
C ASP A 953 0.19 -22.73 -29.22
N ASP A 954 0.76 -21.64 -29.74
CA ASP A 954 1.83 -20.95 -29.03
C ASP A 954 1.32 -19.78 -28.18
N ALA A 955 0.08 -19.86 -27.69
CA ALA A 955 -0.44 -18.81 -26.82
C ALA A 955 0.37 -18.75 -25.54
N GLY A 956 0.79 -17.54 -25.17
CA GLY A 956 1.59 -17.37 -23.98
C GLY A 956 3.05 -17.71 -24.12
N ALA A 957 3.54 -17.97 -25.34
CA ALA A 957 4.95 -18.29 -25.53
C ALA A 957 5.80 -17.04 -25.35
N LEU A 958 6.99 -17.23 -24.77
CA LEU A 958 7.89 -16.09 -24.57
C LEU A 958 8.36 -15.50 -25.89
N ALA A 959 8.50 -16.32 -26.93
CA ALA A 959 8.89 -15.87 -28.26
C ALA A 959 7.86 -16.41 -29.25
N PRO A 960 6.70 -15.77 -29.36
CA PRO A 960 5.61 -16.35 -30.16
C PRO A 960 5.73 -15.99 -31.63
N LYS A 961 4.98 -16.75 -32.44
CA LYS A 961 4.91 -16.49 -33.87
C LYS A 961 4.25 -15.14 -34.14
N THR A 962 4.82 -14.38 -35.06
CA THR A 962 4.25 -13.12 -35.51
C THR A 962 3.59 -13.31 -36.87
N ASP A 963 2.51 -12.56 -37.10
CA ASP A 963 1.72 -12.71 -38.31
C ASP A 963 2.04 -11.67 -39.38
N ALA A 964 2.66 -10.56 -39.00
CA ALA A 964 3.06 -9.54 -39.96
C ALA A 964 4.21 -8.75 -39.38
N SER A 965 4.89 -7.99 -40.26
CA SER A 965 6.03 -7.18 -39.86
C SER A 965 6.17 -6.02 -40.81
N ILE A 966 6.33 -4.81 -40.28
CA ILE A 966 6.52 -3.61 -41.09
C ILE A 966 7.70 -2.82 -40.53
N GLN A 967 8.22 -1.93 -41.35
CA GLN A 967 9.17 -0.91 -40.92
C GLN A 967 8.40 0.37 -40.69
N TYR A 968 8.62 0.99 -39.54
CA TYR A 968 7.89 2.18 -39.13
C TYR A 968 8.87 3.34 -38.98
N ASP A 969 8.46 4.51 -39.46
CA ASP A 969 9.32 5.69 -39.40
C ASP A 969 8.59 6.90 -38.81
N GLY A 970 7.44 6.71 -38.17
CA GLY A 970 6.69 7.78 -37.57
C GLY A 970 5.47 8.21 -38.36
N LYS A 971 5.39 7.84 -39.65
CA LYS A 971 4.22 8.11 -40.48
C LYS A 971 3.18 7.01 -40.29
N PRO A 972 1.89 7.36 -40.40
CA PRO A 972 0.84 6.36 -40.17
C PRO A 972 0.95 5.18 -41.13
N VAL A 973 0.69 3.99 -40.59
CA VAL A 973 0.77 2.72 -41.32
C VAL A 973 -0.35 1.83 -40.83
N SER A 974 -0.87 0.98 -41.71
CA SER A 974 -1.98 0.09 -41.41
C SER A 974 -1.57 -1.37 -41.60
N VAL A 975 -2.04 -2.24 -40.70
CA VAL A 975 -1.80 -3.68 -40.77
C VAL A 975 -3.15 -4.38 -40.73
N LEU A 976 -3.41 -5.23 -41.73
CA LEU A 976 -4.68 -5.93 -41.84
C LEU A 976 -4.52 -7.40 -41.44
N GLN A 977 -5.51 -7.91 -40.69
CA GLN A 977 -5.41 -9.28 -40.19
C GLN A 977 -5.61 -10.29 -41.30
N ARG A 978 -6.69 -10.14 -42.07
CA ARG A 978 -7.06 -11.08 -43.12
C ARG A 978 -7.09 -12.53 -42.63
K K B . 19.93 12.03 -9.27
C1 XYS C . 12.68 -4.20 8.18
C2 XYS C . 12.17 -4.32 6.73
C3 XYS C . 12.70 -5.55 6.08
C4 XYS C . 14.21 -5.53 6.06
C5 XYS C . 14.78 -5.31 7.46
O1 XYS C . 12.24 -5.23 8.96
O2 XYS C . 10.75 -4.29 6.71
O3 XYS C . 12.21 -5.64 4.71
O4 XYS C . 14.69 -6.79 5.57
O5 XYS C . 14.18 -4.17 8.19
C1 GOL D . 6.22 -12.33 28.60
O1 GOL D . 6.99 -11.38 27.96
C2 GOL D . 5.62 -13.22 27.50
O2 GOL D . 6.61 -13.87 26.77
C3 GOL D . 4.83 -12.24 26.62
O3 GOL D . 4.52 -12.95 25.47
#